data_2PPE
#
_entry.id   2PPE
#
_cell.length_a   61.079
_cell.length_b   101.890
_cell.length_c   145.670
_cell.angle_alpha   90.00
_cell.angle_beta   90.00
_cell.angle_gamma   90.00
#
_symmetry.space_group_name_H-M   'P 21 21 21'
#
loop_
_entity.id
_entity.type
_entity.pdbx_description
1 polymer 'Copper-containing nitrite reductase'
2 non-polymer 'COPPER (I) ION'
3 non-polymer 'COPPER (II) ION'
4 non-polymer 'ACETATE ION'
5 non-polymer 'NITRIC OXIDE'
6 non-polymer 2-AMINO-2-HYDROXYMETHYL-PROPANE-1,3-DIOL
7 water water
#
_entity_poly.entity_id   1
_entity_poly.type   'polypeptide(L)'
_entity_poly.pdbx_seq_one_letter_code
;QGAVRKATAAEIAALPRQKVELVDPPFVHAHSQVAEGGPKVVEFTMVIEEKKIVIDDAGTEVHAMAFNGTVPGPLMVVHQ
DDYLELTLINPETNTLMHNIDFHAATGALGGGGLTEINPGEKTILRFKATKPGVFVYHCAPPGMVPWAVVSGMNGAIMVL
PREGLHDGKGKALTYDKIYYVGEQDFYVPRDENGKYKKYEAPGDAYEDTVKVMRTLTPTHVVFNGAVGALTGDKAMTAAV
GEKVLIVHSQANRDTRPHLIGGHGDYVWATGKFNTPPDVDQETWFIPGGAAGAAFYTFQQPGIYAYVNHNLIEAFELGAA
AHFKVTGEWNDDLMTSVLAPSGT
;
_entity_poly.pdbx_strand_id   A,B,C
#
loop_
_chem_comp.id
_chem_comp.type
_chem_comp.name
_chem_comp.formula
ACT non-polymer 'ACETATE ION' 'C2 H3 O2 -1'
CU non-polymer 'COPPER (II) ION' 'Cu 2'
CU1 non-polymer 'COPPER (I) ION' 'Cu 1'
NO non-polymer 'NITRIC OXIDE' 'N O'
TRS non-polymer 2-AMINO-2-HYDROXYMETHYL-PROPANE-1,3-DIOL 'C4 H12 N O3 1'
#
# COMPACT_ATOMS: atom_id res chain seq x y z
N ALA A 7 2.14 35.83 13.46
CA ALA A 7 1.03 36.56 14.15
C ALA A 7 1.49 36.95 15.55
N THR A 8 1.05 38.11 16.01
CA THR A 8 1.49 38.60 17.30
C THR A 8 0.61 37.96 18.37
N ALA A 9 1.07 38.01 19.61
CA ALA A 9 0.26 37.52 20.72
C ALA A 9 -1.12 38.17 20.75
N ALA A 10 -1.19 39.49 20.60
CA ALA A 10 -2.49 40.16 20.62
C ALA A 10 -3.39 39.75 19.46
N GLU A 11 -2.80 39.47 18.30
CA GLU A 11 -3.56 39.07 17.13
C GLU A 11 -4.21 37.71 17.33
N ILE A 12 -3.46 36.77 17.91
CA ILE A 12 -3.97 35.44 18.18
C ILE A 12 -5.11 35.56 19.18
N ALA A 13 -4.89 36.38 20.21
CA ALA A 13 -5.87 36.58 21.27
C ALA A 13 -7.16 37.18 20.75
N ALA A 14 -7.06 38.01 19.71
CA ALA A 14 -8.21 38.74 19.15
C ALA A 14 -9.07 37.95 18.16
N LEU A 15 -8.53 36.83 17.68
CA LEU A 15 -9.26 35.96 16.76
C LEU A 15 -10.60 35.51 17.36
N PRO A 16 -11.67 35.45 16.53
CA PRO A 16 -12.95 35.00 17.05
C PRO A 16 -12.85 33.55 17.52
N ARG A 17 -13.61 33.23 18.55
CA ARG A 17 -13.71 31.88 19.09
C ARG A 17 -15.11 31.38 18.76
N GLN A 18 -15.21 30.18 18.19
CA GLN A 18 -16.51 29.63 17.81
C GLN A 18 -16.65 28.21 18.39
N LYS A 19 -17.70 27.97 19.18
CA LYS A 19 -17.99 26.62 19.66
C LYS A 19 -18.80 25.86 18.62
N VAL A 20 -18.42 24.61 18.36
CA VAL A 20 -19.13 23.76 17.41
C VAL A 20 -19.62 22.50 18.12
N GLU A 21 -20.89 22.15 17.88
CA GLU A 21 -21.46 20.93 18.44
C GLU A 21 -21.18 19.75 17.51
N LEU A 22 -20.65 18.67 18.05
CA LEU A 22 -20.30 17.53 17.21
C LEU A 22 -21.51 16.64 16.92
N VAL A 23 -21.35 15.80 15.90
N VAL A 23 -21.43 15.89 15.83
CA VAL A 23 -22.37 14.89 15.41
CA VAL A 23 -22.41 14.82 15.59
C VAL A 23 -21.70 13.50 15.24
C VAL A 23 -21.68 13.50 15.41
N ASP A 24 -22.43 12.41 15.54
CA ASP A 24 -21.86 11.07 15.48
C ASP A 24 -21.59 10.61 14.04
N PRO A 25 -20.47 9.90 13.80
CA PRO A 25 -20.24 9.33 12.47
C PRO A 25 -21.35 8.35 12.07
N PRO A 26 -21.61 8.20 10.75
CA PRO A 26 -20.89 8.75 9.60
C PRO A 26 -21.25 10.20 9.23
N PHE A 27 -22.08 10.84 10.04
CA PHE A 27 -22.48 12.22 9.76
C PHE A 27 -21.41 13.20 10.21
N VAL A 28 -21.50 14.44 9.71
CA VAL A 28 -20.48 15.46 9.92
C VAL A 28 -21.18 16.77 10.30
N HIS A 29 -20.63 17.46 11.31
CA HIS A 29 -21.21 18.68 11.83
C HIS A 29 -21.29 19.73 10.72
N ALA A 30 -22.22 20.67 10.86
CA ALA A 30 -22.34 21.76 9.90
C ALA A 30 -21.04 22.55 9.78
N HIS A 31 -20.70 22.86 8.53
CA HIS A 31 -19.52 23.64 8.21
C HIS A 31 -19.73 24.24 6.83
N SER A 32 -18.88 25.21 6.47
CA SER A 32 -18.89 25.77 5.15
C SER A 32 -17.65 25.29 4.41
N GLN A 33 -17.77 25.02 3.11
CA GLN A 33 -16.64 24.51 2.36
C GLN A 33 -15.63 25.63 2.14
N VAL A 34 -16.13 26.79 1.73
CA VAL A 34 -15.31 27.98 1.61
C VAL A 34 -15.33 28.73 2.95
N ALA A 35 -14.14 29.03 3.48
CA ALA A 35 -14.02 29.70 4.78
C ALA A 35 -14.76 31.02 4.78
N GLU A 36 -15.55 31.23 5.83
CA GLU A 36 -16.35 32.43 5.98
C GLU A 36 -15.57 33.40 6.86
N GLY A 37 -14.81 34.27 6.21
CA GLY A 37 -14.02 35.25 6.93
C GLY A 37 -12.63 34.73 7.26
N GLY A 38 -11.99 35.39 8.22
CA GLY A 38 -10.59 35.12 8.51
C GLY A 38 -10.44 33.96 9.49
N PRO A 39 -9.21 33.65 9.87
CA PRO A 39 -8.92 32.57 10.81
C PRO A 39 -9.72 32.66 12.11
N LYS A 40 -10.15 31.51 12.61
CA LYS A 40 -10.88 31.46 13.88
C LYS A 40 -10.24 30.40 14.76
N VAL A 41 -10.55 30.47 16.05
CA VAL A 41 -10.25 29.37 16.97
C VAL A 41 -11.53 28.58 17.10
N VAL A 42 -11.55 27.39 16.51
CA VAL A 42 -12.75 26.55 16.52
C VAL A 42 -12.71 25.61 17.71
N GLU A 43 -13.72 25.71 18.58
CA GLU A 43 -13.72 25.02 19.88
C GLU A 43 -14.59 23.77 19.86
N PHE A 44 -13.99 22.63 20.23
CA PHE A 44 -14.73 21.38 20.35
C PHE A 44 -14.57 20.84 21.76
N THR A 45 -15.56 20.07 22.21
CA THR A 45 -15.44 19.30 23.46
C THR A 45 -15.77 17.83 23.19
N MET A 46 -14.94 16.94 23.73
CA MET A 46 -15.24 15.51 23.69
C MET A 46 -15.03 14.88 25.06
N VAL A 47 -16.00 14.04 25.45
CA VAL A 47 -15.87 13.25 26.67
C VAL A 47 -15.48 11.83 26.27
N ILE A 48 -14.52 11.24 26.97
CA ILE A 48 -14.06 9.90 26.63
C ILE A 48 -14.91 8.90 27.39
N GLU A 49 -15.38 7.86 26.70
CA GLU A 49 -16.17 6.81 27.34
C GLU A 49 -15.52 5.45 27.18
N GLU A 50 -15.24 4.78 28.29
CA GLU A 50 -14.89 3.37 28.24
C GLU A 50 -16.19 2.61 28.42
N LYS A 51 -16.52 1.74 27.48
CA LYS A 51 -17.76 1.00 27.52
C LYS A 51 -17.69 -0.27 26.69
N LYS A 52 -18.45 -1.28 27.12
CA LYS A 52 -18.62 -2.49 26.33
C LYS A 52 -19.52 -2.21 25.14
N ILE A 53 -19.07 -2.65 23.97
CA ILE A 53 -19.88 -2.59 22.77
C ILE A 53 -19.93 -3.99 22.15
N VAL A 54 -20.98 -4.26 21.40
CA VAL A 54 -21.11 -5.50 20.65
C VAL A 54 -20.79 -5.21 19.19
N ILE A 55 -19.92 -6.01 18.58
CA ILE A 55 -19.39 -5.71 17.25
C ILE A 55 -19.80 -6.67 16.13
N ASP A 56 -20.52 -7.74 16.46
CA ASP A 56 -20.98 -8.69 15.44
C ASP A 56 -22.33 -9.32 15.83
N ASP A 57 -22.82 -10.23 14.98
CA ASP A 57 -24.10 -10.90 15.19
C ASP A 57 -24.04 -12.08 16.17
N ALA A 58 -22.83 -12.40 16.64
CA ALA A 58 -22.63 -13.45 17.64
C ALA A 58 -22.50 -12.91 19.06
N GLY A 59 -22.75 -11.61 19.23
CA GLY A 59 -22.66 -10.97 20.54
C GLY A 59 -21.24 -10.72 21.04
N THR A 60 -20.29 -10.68 20.13
CA THR A 60 -18.89 -10.46 20.48
C THR A 60 -18.74 -9.06 21.09
N GLU A 61 -18.06 -9.01 22.23
CA GLU A 61 -17.84 -7.77 22.98
C GLU A 61 -16.43 -7.24 22.82
N VAL A 62 -16.32 -5.92 22.86
CA VAL A 62 -15.05 -5.20 22.97
C VAL A 62 -15.25 -4.19 24.08
N HIS A 63 -14.24 -4.02 24.93
CA HIS A 63 -14.19 -2.89 25.84
C HIS A 63 -13.64 -1.72 25.05
N ALA A 64 -14.55 -0.91 24.49
CA ALA A 64 -14.15 0.20 23.63
C ALA A 64 -13.61 1.37 24.43
N MET A 65 -12.70 2.11 23.83
CA MET A 65 -12.22 3.38 24.39
C MET A 65 -12.62 4.39 23.32
N ALA A 66 -13.65 5.18 23.61
CA ALA A 66 -14.36 5.90 22.58
C ALA A 66 -14.38 7.41 22.80
N PHE A 67 -13.77 8.17 21.88
CA PHE A 67 -13.87 9.62 21.89
C PHE A 67 -15.33 9.99 21.65
N ASN A 68 -15.93 10.77 22.55
CA ASN A 68 -17.30 11.24 22.38
C ASN A 68 -18.30 10.09 22.38
N GLY A 69 -17.85 8.93 22.84
CA GLY A 69 -18.71 7.76 22.98
C GLY A 69 -18.90 6.96 21.71
N THR A 70 -18.20 7.32 20.63
CA THR A 70 -18.35 6.59 19.38
C THR A 70 -17.06 6.00 18.87
N VAL A 71 -17.20 4.92 18.09
CA VAL A 71 -16.11 4.35 17.31
C VAL A 71 -16.50 4.39 15.82
N PRO A 72 -15.80 5.20 15.00
CA PRO A 72 -14.67 6.07 15.35
C PRO A 72 -15.15 7.29 16.12
N GLY A 73 -14.22 8.08 16.63
CA GLY A 73 -14.55 9.40 17.17
C GLY A 73 -15.09 10.28 16.03
N PRO A 74 -15.77 11.38 16.38
CA PRO A 74 -16.38 12.24 15.37
C PRO A 74 -15.37 12.98 14.51
N LEU A 75 -15.83 13.40 13.33
CA LEU A 75 -15.05 14.23 12.41
C LEU A 75 -15.14 15.69 12.84
N MET A 76 -13.99 16.30 13.09
CA MET A 76 -13.92 17.74 13.36
C MET A 76 -13.46 18.43 12.08
N VAL A 77 -14.16 19.50 11.70
CA VAL A 77 -13.87 20.23 10.45
C VAL A 77 -13.49 21.68 10.74
N VAL A 78 -12.31 22.08 10.24
CA VAL A 78 -11.84 23.47 10.36
C VAL A 78 -11.25 23.85 9.01
N HIS A 79 -10.78 25.09 8.86
CA HIS A 79 -10.07 25.46 7.62
C HIS A 79 -8.60 25.70 7.88
N GLN A 80 -7.80 25.68 6.82
CA GLN A 80 -6.36 25.92 6.95
C GLN A 80 -6.10 27.24 7.64
N ASP A 81 -5.20 27.19 8.63
CA ASP A 81 -4.78 28.34 9.46
C ASP A 81 -5.80 28.84 10.50
N ASP A 82 -6.92 28.13 10.61
CA ASP A 82 -7.72 28.19 11.83
C ASP A 82 -6.91 27.51 12.93
N TYR A 83 -7.35 27.68 14.18
CA TYR A 83 -6.81 26.90 15.28
C TYR A 83 -7.91 25.94 15.70
N LEU A 84 -7.51 24.72 16.07
CA LEU A 84 -8.47 23.78 16.64
C LEU A 84 -8.19 23.74 18.14
N GLU A 85 -9.21 24.02 18.95
CA GLU A 85 -9.04 24.04 20.40
C GLU A 85 -9.98 23.02 21.06
N LEU A 86 -9.40 21.89 21.47
CA LEU A 86 -10.18 20.79 21.99
C LEU A 86 -10.14 20.75 23.52
N THR A 87 -11.33 20.73 24.13
CA THR A 87 -11.45 20.37 25.53
C THR A 87 -11.71 18.87 25.57
N LEU A 88 -10.78 18.12 26.15
CA LEU A 88 -10.90 16.67 26.26
C LEU A 88 -11.14 16.30 27.71
N ILE A 89 -12.18 15.50 27.96
CA ILE A 89 -12.62 15.17 29.33
C ILE A 89 -12.55 13.65 29.59
N ASN A 90 -11.96 13.27 30.72
CA ASN A 90 -11.83 11.87 31.11
C ASN A 90 -12.56 11.64 32.45
N PRO A 91 -13.85 11.25 32.40
CA PRO A 91 -14.65 11.13 33.62
C PRO A 91 -14.03 10.17 34.64
N GLU A 92 -14.35 10.40 35.92
CA GLU A 92 -13.79 9.60 37.02
C GLU A 92 -14.23 8.13 36.99
N THR A 93 -15.30 7.84 36.26
CA THR A 93 -15.78 6.47 36.06
C THR A 93 -14.92 5.62 35.13
N ASN A 94 -14.01 6.25 34.38
CA ASN A 94 -13.09 5.51 33.52
C ASN A 94 -11.95 4.97 34.37
N THR A 95 -11.22 4.00 33.84
N THR A 95 -11.23 3.99 33.82
CA THR A 95 -10.15 3.39 34.61
CA THR A 95 -10.16 3.30 34.52
C THR A 95 -8.74 3.66 34.06
C THR A 95 -8.78 3.75 34.09
N LEU A 96 -8.66 4.20 32.83
CA LEU A 96 -7.36 4.44 32.19
C LEU A 96 -7.05 5.90 31.95
N MET A 97 -5.76 6.22 31.95
CA MET A 97 -5.31 7.52 31.47
C MET A 97 -5.50 7.53 29.95
N HIS A 98 -5.93 8.66 29.40
CA HIS A 98 -6.13 8.83 27.96
C HIS A 98 -5.48 10.14 27.51
N ASN A 99 -5.20 10.26 26.21
CA ASN A 99 -4.69 11.51 25.63
C ASN A 99 -5.11 11.59 24.16
N ILE A 100 -4.57 12.53 23.39
CA ILE A 100 -4.91 12.62 21.98
C ILE A 100 -3.72 13.08 21.14
N ASP A 101 -3.49 12.36 20.04
CA ASP A 101 -2.47 12.73 19.05
C ASP A 101 -3.23 13.12 17.78
N PHE A 102 -3.12 14.40 17.41
CA PHE A 102 -3.65 14.87 16.13
C PHE A 102 -2.55 14.80 15.09
N HIS A 103 -2.69 13.92 14.09
CA HIS A 103 -1.73 13.91 12.99
C HIS A 103 -1.68 15.25 12.22
N ALA A 104 -2.76 16.06 12.33
CA ALA A 104 -2.77 17.41 11.71
C ALA A 104 -1.88 18.45 12.40
N ALA A 105 -1.51 18.18 13.65
CA ALA A 105 -0.84 19.14 14.53
C ALA A 105 0.68 18.97 14.52
N THR A 106 1.39 20.04 14.91
CA THR A 106 2.85 20.03 14.93
C THR A 106 3.35 20.27 16.36
N GLY A 107 4.06 19.27 16.90
CA GLY A 107 4.68 19.36 18.22
C GLY A 107 4.15 18.36 19.23
N ALA A 108 4.98 18.07 20.24
CA ALA A 108 4.58 17.28 21.43
C ALA A 108 3.82 16.01 21.07
N LEU A 109 4.40 15.23 20.15
CA LEU A 109 3.79 13.96 19.70
C LEU A 109 2.33 14.17 19.23
N GLY A 110 2.12 15.24 18.46
CA GLY A 110 0.80 15.60 17.95
C GLY A 110 -0.20 16.11 18.97
N GLY A 111 0.29 16.43 20.18
CA GLY A 111 -0.59 16.81 21.29
C GLY A 111 -0.60 15.79 22.40
N GLY A 112 -0.17 14.57 22.07
CA GLY A 112 -0.16 13.48 23.06
C GLY A 112 0.61 13.81 24.33
N GLY A 113 1.76 14.47 24.19
CA GLY A 113 2.60 14.79 25.35
C GLY A 113 2.00 15.82 26.29
N LEU A 114 1.00 16.57 25.81
CA LEU A 114 0.38 17.69 26.55
C LEU A 114 -1.04 17.39 27.06
N THR A 115 -1.58 16.23 26.70
CA THR A 115 -3.00 15.93 26.94
C THR A 115 -3.26 14.66 27.78
N GLU A 116 -2.24 14.17 28.48
CA GLU A 116 -2.40 12.98 29.32
C GLU A 116 -3.28 13.29 30.53
N ILE A 117 -4.53 12.81 30.47
CA ILE A 117 -5.51 13.04 31.52
C ILE A 117 -5.94 11.75 32.20
N ASN A 118 -5.81 11.72 33.52
CA ASN A 118 -6.26 10.59 34.32
C ASN A 118 -7.78 10.68 34.49
N PRO A 119 -8.43 9.57 34.90
CA PRO A 119 -9.84 9.69 35.22
C PRO A 119 -10.08 10.77 36.26
N GLY A 120 -11.09 11.61 36.01
CA GLY A 120 -11.37 12.76 36.87
C GLY A 120 -10.65 14.04 36.42
N GLU A 121 -9.99 14.00 35.25
CA GLU A 121 -9.28 15.18 34.72
C GLU A 121 -9.77 15.61 33.32
N LYS A 122 -9.51 16.87 32.99
CA LYS A 122 -9.72 17.39 31.65
C LYS A 122 -8.51 18.24 31.23
N THR A 123 -8.46 18.59 29.95
CA THR A 123 -7.34 19.36 29.41
C THR A 123 -7.86 20.14 28.21
N ILE A 124 -7.17 21.22 27.86
CA ILE A 124 -7.51 21.97 26.66
C ILE A 124 -6.23 22.16 25.82
N LEU A 125 -6.28 21.68 24.59
CA LEU A 125 -5.17 21.77 23.65
C LEU A 125 -5.60 22.68 22.52
N ARG A 126 -4.71 23.56 22.08
CA ARG A 126 -4.95 24.34 20.88
C ARG A 126 -3.81 24.11 19.91
N PHE A 127 -4.12 23.88 18.64
CA PHE A 127 -3.05 23.86 17.66
C PHE A 127 -3.46 24.58 16.39
N LYS A 128 -2.47 25.10 15.66
CA LYS A 128 -2.76 25.77 14.40
C LYS A 128 -2.81 24.73 13.29
N ALA A 129 -3.91 24.69 12.54
CA ALA A 129 -4.08 23.70 11.47
C ALA A 129 -3.40 24.20 10.20
N THR A 130 -2.09 24.03 10.12
CA THR A 130 -1.27 24.68 9.07
C THR A 130 -1.33 23.97 7.71
N LYS A 131 -1.78 22.71 7.72
N LYS A 131 -1.74 22.71 7.70
CA LYS A 131 -1.76 21.85 6.53
CA LYS A 131 -1.77 21.97 6.45
C LYS A 131 -3.17 21.37 6.16
C LYS A 131 -3.13 21.38 6.13
N PRO A 132 -3.57 21.54 4.87
CA PRO A 132 -4.91 21.14 4.46
C PRO A 132 -5.00 19.65 4.12
N GLY A 133 -6.04 19.00 4.61
CA GLY A 133 -6.21 17.57 4.37
C GLY A 133 -7.12 16.93 5.37
N VAL A 134 -7.42 15.65 5.15
CA VAL A 134 -7.99 14.81 6.20
C VAL A 134 -6.83 14.12 6.95
N PHE A 135 -6.95 14.04 8.27
CA PHE A 135 -5.87 13.54 9.12
C PHE A 135 -6.47 12.70 10.23
N VAL A 136 -5.76 11.64 10.57
CA VAL A 136 -6.13 10.80 11.70
C VAL A 136 -5.89 11.52 13.02
N TYR A 137 -6.72 11.22 14.01
CA TYR A 137 -6.37 11.48 15.41
C TYR A 137 -6.60 10.21 16.20
N HIS A 138 -5.82 10.02 17.26
CA HIS A 138 -5.89 8.81 18.09
C HIS A 138 -5.28 9.00 19.47
N CYS A 139 -5.74 8.19 20.40
CA CYS A 139 -5.14 8.13 21.73
C CYS A 139 -3.78 7.47 21.58
N ALA A 140 -2.85 7.79 22.49
CA ALA A 140 -1.50 7.23 22.46
C ALA A 140 -0.84 7.33 23.83
N PRO A 141 -1.31 6.53 24.81
CA PRO A 141 -0.67 6.55 26.13
C PRO A 141 0.62 5.74 26.07
N PRO A 142 1.75 6.37 26.44
CA PRO A 142 3.03 5.68 26.36
C PRO A 142 2.96 4.33 27.05
N GLY A 143 3.50 3.31 26.39
CA GLY A 143 3.51 1.94 26.90
C GLY A 143 2.30 1.09 26.52
N MET A 144 1.27 1.70 25.93
CA MET A 144 0.09 0.96 25.49
C MET A 144 -0.53 1.60 24.25
N VAL A 145 0.27 2.28 23.44
CA VAL A 145 -0.29 2.97 22.26
C VAL A 145 -1.16 2.09 21.35
N PRO A 146 -0.63 0.94 20.86
CA PRO A 146 -1.47 0.18 19.92
C PRO A 146 -2.77 -0.36 20.52
N TRP A 147 -2.73 -0.75 21.79
CA TRP A 147 -3.94 -1.28 22.43
C TRP A 147 -5.04 -0.23 22.51
N ALA A 148 -4.67 1.02 22.79
CA ALA A 148 -5.68 2.08 22.84
C ALA A 148 -6.30 2.29 21.46
N VAL A 149 -5.45 2.32 20.45
CA VAL A 149 -5.90 2.60 19.08
C VAL A 149 -6.80 1.49 18.55
N VAL A 150 -6.39 0.23 18.74
CA VAL A 150 -7.21 -0.91 18.26
C VAL A 150 -8.38 -1.26 19.17
N SER A 151 -8.50 -0.57 20.31
CA SER A 151 -9.73 -0.60 21.11
C SER A 151 -10.74 0.47 20.66
N GLY A 152 -10.42 1.13 19.55
CA GLY A 152 -11.34 2.07 18.91
C GLY A 152 -11.12 3.54 19.21
N MET A 153 -10.02 3.89 19.86
CA MET A 153 -9.82 5.27 20.28
C MET A 153 -9.11 6.08 19.21
N ASN A 154 -9.82 6.28 18.11
CA ASN A 154 -9.29 7.02 16.97
C ASN A 154 -10.43 7.63 16.15
N GLY A 155 -10.09 8.66 15.39
CA GLY A 155 -11.05 9.34 14.51
C GLY A 155 -10.27 10.08 13.43
N ALA A 156 -10.86 11.15 12.90
CA ALA A 156 -10.16 11.98 11.93
C ALA A 156 -10.64 13.42 12.02
N ILE A 157 -9.85 14.34 11.46
CA ILE A 157 -10.34 15.70 11.25
C ILE A 157 -10.20 16.06 9.78
N MET A 158 -10.93 17.08 9.35
CA MET A 158 -10.72 17.62 8.02
C MET A 158 -10.33 19.08 8.12
N VAL A 159 -9.22 19.44 7.50
CA VAL A 159 -8.74 20.81 7.44
C VAL A 159 -8.95 21.20 5.97
N LEU A 160 -10.06 21.88 5.70
CA LEU A 160 -10.36 22.29 4.33
C LEU A 160 -9.47 23.47 3.92
N PRO A 161 -9.10 23.55 2.63
CA PRO A 161 -8.43 24.76 2.14
C PRO A 161 -9.39 25.92 2.36
N ARG A 162 -8.88 27.12 2.61
CA ARG A 162 -9.78 28.25 2.87
C ARG A 162 -10.71 28.53 1.69
N GLU A 163 -10.26 28.22 0.48
CA GLU A 163 -11.09 28.40 -0.72
C GLU A 163 -11.83 27.14 -1.14
N GLY A 164 -11.98 26.20 -0.21
CA GLY A 164 -12.66 24.92 -0.52
C GLY A 164 -11.80 24.01 -1.37
N LEU A 165 -12.36 22.88 -1.81
CA LEU A 165 -11.63 21.90 -2.59
C LEU A 165 -11.54 22.27 -4.08
N HIS A 166 -10.48 21.82 -4.73
CA HIS A 166 -10.28 22.03 -6.16
C HIS A 166 -9.69 20.77 -6.81
N ASP A 167 -9.90 20.60 -8.11
CA ASP A 167 -9.25 19.53 -8.84
C ASP A 167 -7.81 19.95 -9.18
N GLY A 168 -7.12 19.11 -9.95
CA GLY A 168 -5.73 19.38 -10.34
C GLY A 168 -5.55 20.57 -11.25
N LYS A 169 -6.64 21.03 -11.88
CA LYS A 169 -6.60 22.19 -12.77
C LYS A 169 -7.16 23.45 -12.13
N GLY A 170 -7.37 23.41 -10.81
CA GLY A 170 -7.89 24.56 -10.07
C GLY A 170 -9.38 24.82 -10.22
N LYS A 171 -10.10 23.87 -10.82
CA LYS A 171 -11.56 23.94 -10.90
C LYS A 171 -12.14 23.55 -9.54
N ALA A 172 -13.15 24.29 -9.08
CA ALA A 172 -13.78 24.04 -7.78
C ALA A 172 -14.51 22.71 -7.75
N LEU A 173 -14.33 21.98 -6.65
CA LEU A 173 -15.09 20.75 -6.41
C LEU A 173 -15.92 20.96 -5.15
N THR A 174 -17.23 21.02 -5.32
CA THR A 174 -18.12 21.35 -4.22
C THR A 174 -19.06 20.17 -3.98
N TYR A 175 -18.98 19.56 -2.80
CA TYR A 175 -19.84 18.43 -2.51
C TYR A 175 -21.20 18.86 -1.98
N ASP A 176 -22.21 18.04 -2.26
CA ASP A 176 -23.56 18.22 -1.73
C ASP A 176 -23.68 17.58 -0.36
N LYS A 177 -22.94 16.50 -0.15
CA LYS A 177 -22.90 15.91 1.18
C LYS A 177 -21.58 15.23 1.43
N ILE A 178 -21.36 14.90 2.70
CA ILE A 178 -20.09 14.33 3.15
C ILE A 178 -20.39 13.27 4.19
N TYR A 179 -19.70 12.14 4.07
CA TYR A 179 -19.77 11.11 5.10
C TYR A 179 -18.39 10.80 5.60
N TYR A 180 -18.29 10.37 6.87
CA TYR A 180 -17.02 9.92 7.42
C TYR A 180 -17.12 8.44 7.80
N VAL A 181 -16.34 7.62 7.09
CA VAL A 181 -16.26 6.19 7.38
C VAL A 181 -14.95 5.90 8.11
N GLY A 182 -15.05 5.57 9.40
CA GLY A 182 -13.86 5.17 10.17
C GLY A 182 -13.79 3.65 10.14
N GLU A 183 -12.64 3.12 9.75
CA GLU A 183 -12.48 1.67 9.68
C GLU A 183 -11.63 1.21 10.85
N GLN A 184 -12.10 0.17 11.55
CA GLN A 184 -11.44 -0.34 12.76
C GLN A 184 -11.07 -1.80 12.64
N ASP A 185 -9.78 -2.10 12.85
CA ASP A 185 -9.32 -3.48 13.06
C ASP A 185 -9.45 -3.82 14.54
N PHE A 186 -10.20 -4.88 14.87
CA PHE A 186 -10.33 -5.37 16.23
C PHE A 186 -9.65 -6.72 16.34
N TYR A 187 -9.15 -7.02 17.54
CA TYR A 187 -8.37 -8.25 17.79
C TYR A 187 -8.95 -8.90 19.04
N VAL A 188 -9.95 -9.75 18.84
CA VAL A 188 -10.70 -10.24 19.99
C VAL A 188 -10.24 -11.64 20.35
N PRO A 189 -9.79 -11.84 21.61
CA PRO A 189 -9.32 -13.18 21.96
C PRO A 189 -10.40 -14.26 21.87
N ARG A 190 -9.98 -15.48 21.58
N ARG A 190 -9.96 -15.49 21.58
CA ARG A 190 -10.87 -16.64 21.53
CA ARG A 190 -10.83 -16.65 21.50
C ARG A 190 -10.34 -17.74 22.43
C ARG A 190 -10.34 -17.69 22.52
N ASP A 191 -11.25 -18.52 23.00
CA ASP A 191 -10.87 -19.69 23.79
C ASP A 191 -10.48 -20.81 22.82
N GLU A 192 -10.00 -21.93 23.34
CA GLU A 192 -9.52 -23.02 22.47
C GLU A 192 -10.61 -23.64 21.59
N ASN A 193 -11.87 -23.40 21.94
CA ASN A 193 -13.02 -23.84 21.12
C ASN A 193 -13.40 -22.84 20.02
N GLY A 194 -12.68 -21.72 19.96
CA GLY A 194 -12.92 -20.71 18.94
C GLY A 194 -14.02 -19.72 19.26
N LYS A 195 -14.54 -19.75 20.50
CA LYS A 195 -15.56 -18.80 20.91
C LYS A 195 -14.88 -17.53 21.45
N TYR A 196 -15.38 -16.36 21.06
CA TYR A 196 -14.80 -15.12 21.55
C TYR A 196 -15.03 -14.98 23.03
N LYS A 197 -13.98 -14.56 23.73
CA LYS A 197 -14.01 -14.41 25.18
C LYS A 197 -14.62 -13.08 25.59
N LYS A 198 -15.16 -13.02 26.80
CA LYS A 198 -15.65 -11.78 27.40
C LYS A 198 -14.88 -11.54 28.70
N TYR A 199 -14.76 -10.27 29.06
CA TYR A 199 -13.97 -9.83 30.21
C TYR A 199 -14.73 -8.81 31.04
N GLU A 200 -14.58 -8.89 32.35
CA GLU A 200 -15.31 -8.03 33.25
C GLU A 200 -14.84 -6.57 33.13
N ALA A 201 -13.52 -6.38 33.14
CA ALA A 201 -12.91 -5.04 33.13
C ALA A 201 -12.00 -4.89 31.91
N PRO A 202 -11.76 -3.64 31.47
CA PRO A 202 -10.97 -3.46 30.24
C PRO A 202 -9.57 -4.06 30.38
N GLY A 203 -8.91 -3.77 31.50
CA GLY A 203 -7.59 -4.30 31.75
C GLY A 203 -7.46 -5.81 31.73
N ASP A 204 -8.54 -6.52 32.08
CA ASP A 204 -8.52 -7.98 32.12
C ASP A 204 -8.17 -8.62 30.77
N ALA A 205 -8.54 -7.97 29.67
CA ALA A 205 -8.33 -8.48 28.33
C ALA A 205 -6.96 -8.16 27.76
N TYR A 206 -6.16 -7.37 28.48
CA TYR A 206 -4.91 -6.84 27.92
C TYR A 206 -3.97 -7.91 27.34
N GLU A 207 -3.53 -8.84 28.18
CA GLU A 207 -2.56 -9.84 27.73
C GLU A 207 -3.05 -10.74 26.61
N ASP A 208 -4.30 -11.23 26.73
CA ASP A 208 -4.88 -12.06 25.69
C ASP A 208 -4.99 -11.29 24.38
N THR A 209 -5.30 -10.00 24.47
CA THR A 209 -5.51 -9.16 23.29
C THR A 209 -4.21 -8.89 22.55
N VAL A 210 -3.16 -8.55 23.31
CA VAL A 210 -1.84 -8.32 22.69
C VAL A 210 -1.36 -9.56 21.95
N LYS A 211 -1.61 -10.75 22.51
CA LYS A 211 -1.28 -11.99 21.82
C LYS A 211 -1.92 -12.05 20.40
N VAL A 212 -3.21 -11.72 20.32
CA VAL A 212 -3.88 -11.65 19.01
C VAL A 212 -3.29 -10.54 18.13
N MET A 213 -3.07 -9.37 18.70
CA MET A 213 -2.46 -8.25 17.96
C MET A 213 -1.15 -8.63 17.29
N ARG A 214 -0.32 -9.39 17.98
CA ARG A 214 0.99 -9.77 17.46
C ARG A 214 0.93 -10.71 16.24
N THR A 215 -0.21 -11.36 16.03
CA THR A 215 -0.40 -12.17 14.83
C THR A 215 -0.64 -11.26 13.61
N LEU A 216 -0.86 -9.97 13.86
CA LEU A 216 -1.17 -8.98 12.81
C LEU A 216 -2.41 -9.33 11.97
N THR A 217 -3.29 -10.14 12.56
CA THR A 217 -4.47 -10.65 11.87
C THR A 217 -5.72 -10.28 12.68
N PRO A 218 -6.44 -9.25 12.24
CA PRO A 218 -7.65 -8.85 12.97
C PRO A 218 -8.73 -9.94 12.89
N THR A 219 -9.52 -10.02 13.95
CA THR A 219 -10.66 -10.96 13.99
C THR A 219 -11.87 -10.33 13.30
N HIS A 220 -11.90 -8.99 13.32
CA HIS A 220 -12.99 -8.18 12.75
C HIS A 220 -12.37 -6.93 12.13
N VAL A 221 -12.91 -6.51 10.98
CA VAL A 221 -12.52 -5.25 10.37
C VAL A 221 -13.85 -4.59 10.05
N VAL A 222 -14.15 -3.46 10.69
CA VAL A 222 -15.52 -2.94 10.66
C VAL A 222 -15.55 -1.46 10.37
N PHE A 223 -16.70 -1.00 9.86
CA PHE A 223 -16.96 0.42 9.70
C PHE A 223 -17.92 0.87 10.80
N ASN A 224 -17.70 2.09 11.32
CA ASN A 224 -18.56 2.67 12.34
C ASN A 224 -18.74 1.73 13.52
N GLY A 225 -17.67 0.98 13.85
CA GLY A 225 -17.59 0.23 15.10
C GLY A 225 -18.25 -1.15 15.20
N ALA A 226 -18.87 -1.63 14.12
CA ALA A 226 -19.53 -2.95 14.17
C ALA A 226 -19.82 -3.50 12.79
N VAL A 227 -19.83 -4.82 12.66
CA VAL A 227 -20.31 -5.46 11.43
C VAL A 227 -21.71 -4.94 11.10
N GLY A 228 -21.92 -4.53 9.85
CA GLY A 228 -23.23 -4.06 9.40
C GLY A 228 -23.71 -2.71 9.91
N ALA A 229 -22.83 -1.92 10.52
CA ALA A 229 -23.22 -0.63 11.11
C ALA A 229 -23.77 0.35 10.07
N LEU A 230 -23.31 0.20 8.82
CA LEU A 230 -23.69 1.13 7.75
C LEU A 230 -24.36 0.42 6.57
N THR A 231 -25.07 -0.66 6.89
CA THR A 231 -25.81 -1.41 5.87
C THR A 231 -27.30 -1.41 6.24
N GLY A 232 -28.12 -1.97 5.36
CA GLY A 232 -29.55 -2.10 5.63
C GLY A 232 -30.21 -0.75 5.82
N ASP A 233 -30.92 -0.60 6.93
CA ASP A 233 -31.62 0.65 7.25
C ASP A 233 -30.68 1.78 7.72
N LYS A 234 -29.40 1.45 7.86
CA LYS A 234 -28.39 2.46 8.21
C LYS A 234 -27.45 2.74 7.03
N ALA A 235 -27.88 2.33 5.83
CA ALA A 235 -27.13 2.65 4.62
C ALA A 235 -27.00 4.17 4.51
N MET A 236 -25.88 4.63 3.98
CA MET A 236 -25.73 6.04 3.62
C MET A 236 -26.56 6.32 2.39
N THR A 237 -26.86 7.59 2.12
CA THR A 237 -27.80 7.92 1.03
C THR A 237 -27.26 8.96 0.08
N ALA A 238 -27.79 8.93 -1.15
CA ALA A 238 -27.51 9.95 -2.13
C ALA A 238 -28.57 9.91 -3.22
N ALA A 239 -28.47 10.83 -4.17
CA ALA A 239 -29.35 10.85 -5.33
C ALA A 239 -28.49 10.97 -6.58
N VAL A 240 -28.99 10.50 -7.71
CA VAL A 240 -28.32 10.73 -8.99
C VAL A 240 -28.10 12.23 -9.20
N GLY A 241 -26.87 12.59 -9.56
CA GLY A 241 -26.49 13.99 -9.78
C GLY A 241 -25.83 14.62 -8.58
N GLU A 242 -25.97 13.96 -7.43
CA GLU A 242 -25.44 14.45 -6.16
C GLU A 242 -23.93 14.16 -6.05
N LYS A 243 -23.17 15.14 -5.57
CA LYS A 243 -21.73 15.04 -5.39
C LYS A 243 -21.47 14.72 -3.92
N VAL A 244 -20.76 13.62 -3.68
CA VAL A 244 -20.53 13.12 -2.31
C VAL A 244 -19.03 13.01 -2.05
N LEU A 245 -18.59 13.53 -0.90
CA LEU A 245 -17.24 13.30 -0.42
C LEU A 245 -17.30 12.23 0.64
N ILE A 246 -16.46 11.19 0.48
CA ILE A 246 -16.38 10.11 1.47
C ILE A 246 -14.99 10.18 2.08
N VAL A 247 -14.93 10.58 3.35
CA VAL A 247 -13.69 10.57 4.09
C VAL A 247 -13.57 9.22 4.74
N HIS A 248 -12.37 8.65 4.70
CA HIS A 248 -12.13 7.28 5.18
C HIS A 248 -10.87 7.30 5.99
N SER A 249 -10.89 6.76 7.21
CA SER A 249 -9.65 6.69 8.00
C SER A 249 -9.36 5.28 8.49
N GLN A 250 -8.08 5.00 8.71
CA GLN A 250 -7.63 3.77 9.34
C GLN A 250 -6.38 4.14 10.14
N ALA A 251 -6.49 4.12 11.46
CA ALA A 251 -5.40 4.59 12.35
C ALA A 251 -4.25 3.60 12.51
N ASN A 252 -4.48 2.32 12.21
CA ASN A 252 -3.49 1.28 12.51
C ASN A 252 -3.11 0.33 11.36
N ARG A 253 -3.96 0.22 10.37
CA ARG A 253 -3.79 -0.85 9.38
C ARG A 253 -4.24 -0.39 8.00
N ASP A 254 -3.60 -0.90 6.96
CA ASP A 254 -3.92 -0.50 5.57
C ASP A 254 -5.34 -0.85 5.18
N THR A 255 -5.93 -0.05 4.29
CA THR A 255 -7.22 -0.41 3.70
C THR A 255 -7.24 0.03 2.23
N ARG A 256 -8.22 -0.50 1.49
CA ARG A 256 -8.31 -0.24 0.04
C ARG A 256 -9.78 0.00 -0.34
N PRO A 257 -10.29 1.23 -0.10
CA PRO A 257 -11.72 1.44 -0.35
C PRO A 257 -12.12 1.35 -1.82
N HIS A 258 -13.36 0.93 -2.03
CA HIS A 258 -13.93 0.73 -3.36
C HIS A 258 -15.45 0.90 -3.28
N LEU A 259 -16.01 1.69 -4.19
CA LEU A 259 -17.44 1.88 -4.28
C LEU A 259 -17.95 0.95 -5.38
N ILE A 260 -18.62 -0.13 -4.98
CA ILE A 260 -19.06 -1.16 -5.95
C ILE A 260 -20.20 -0.62 -6.81
N GLY A 261 -19.94 -0.47 -8.10
CA GLY A 261 -20.91 0.15 -9.00
C GLY A 261 -20.58 1.60 -9.29
N GLY A 262 -19.61 2.14 -8.55
CA GLY A 262 -19.15 3.52 -8.75
C GLY A 262 -17.64 3.60 -8.93
N HIS A 263 -17.11 4.79 -8.65
CA HIS A 263 -15.68 5.09 -8.76
C HIS A 263 -15.33 6.17 -7.76
N GLY A 264 -14.04 6.43 -7.60
CA GLY A 264 -13.64 7.69 -6.97
C GLY A 264 -13.25 8.64 -8.09
N ASP A 265 -14.13 9.59 -8.43
CA ASP A 265 -13.85 10.51 -9.55
C ASP A 265 -12.58 11.30 -9.31
N TYR A 266 -12.44 11.79 -8.08
CA TYR A 266 -11.24 12.44 -7.59
C TYR A 266 -10.95 11.83 -6.23
N VAL A 267 -9.73 11.35 -6.05
CA VAL A 267 -9.35 10.73 -4.78
C VAL A 267 -8.06 11.35 -4.27
N TRP A 268 -8.13 11.99 -3.10
CA TRP A 268 -6.91 12.37 -2.41
C TRP A 268 -6.52 11.15 -1.59
N ALA A 269 -5.81 10.21 -2.23
CA ALA A 269 -5.49 8.92 -1.60
C ALA A 269 -4.63 9.10 -0.34
N THR A 270 -3.71 10.07 -0.38
CA THR A 270 -2.87 10.41 0.77
C THR A 270 -3.61 11.28 1.77
N GLY A 271 -4.79 11.76 1.36
CA GLY A 271 -5.61 12.61 2.20
C GLY A 271 -5.19 14.06 2.27
N LYS A 272 -4.16 14.45 1.53
CA LYS A 272 -3.62 15.81 1.65
C LYS A 272 -3.94 16.66 0.41
N PHE A 273 -4.60 17.80 0.64
CA PHE A 273 -5.26 18.53 -0.44
C PHE A 273 -4.28 19.29 -1.32
N ASN A 274 -3.06 19.48 -0.85
CA ASN A 274 -2.02 20.12 -1.68
C ASN A 274 -1.32 19.13 -2.63
N THR A 275 -1.57 17.84 -2.42
CA THR A 275 -1.15 16.80 -3.36
C THR A 275 -2.32 16.59 -4.30
N PRO A 276 -2.11 16.77 -5.62
CA PRO A 276 -3.27 16.71 -6.51
C PRO A 276 -3.97 15.34 -6.46
N PRO A 277 -5.31 15.32 -6.62
CA PRO A 277 -6.00 14.05 -6.46
C PRO A 277 -5.81 13.11 -7.65
N ASP A 278 -5.81 11.81 -7.39
CA ASP A 278 -5.88 10.81 -8.46
C ASP A 278 -7.29 10.88 -9.05
N VAL A 279 -7.46 10.42 -10.29
CA VAL A 279 -8.77 10.46 -10.93
C VAL A 279 -9.25 9.11 -11.50
N ASP A 280 -10.57 8.95 -11.60
CA ASP A 280 -11.20 7.79 -12.22
C ASP A 280 -10.86 6.49 -11.49
N GLN A 281 -10.71 6.56 -10.17
CA GLN A 281 -10.18 5.41 -9.40
C GLN A 281 -11.20 4.29 -9.27
N GLU A 282 -10.74 3.05 -9.38
CA GLU A 282 -11.59 1.91 -9.08
C GLU A 282 -11.47 1.56 -7.61
N THR A 283 -10.23 1.45 -7.13
CA THR A 283 -9.94 1.12 -5.74
C THR A 283 -8.75 1.98 -5.33
N TRP A 284 -8.89 2.70 -4.21
CA TRP A 284 -7.79 3.52 -3.74
C TRP A 284 -7.13 2.90 -2.51
N PHE A 285 -6.00 3.45 -2.08
CA PHE A 285 -5.24 2.84 -0.99
C PHE A 285 -4.93 3.87 0.08
N ILE A 286 -5.31 3.54 1.33
CA ILE A 286 -5.04 4.40 2.48
C ILE A 286 -4.18 3.60 3.45
N PRO A 287 -2.93 4.06 3.71
CA PRO A 287 -2.04 3.29 4.58
C PRO A 287 -2.49 3.40 6.05
N GLY A 288 -2.24 2.37 6.84
CA GLY A 288 -2.51 2.46 8.29
C GLY A 288 -1.85 3.69 8.88
N GLY A 289 -2.62 4.45 9.68
CA GLY A 289 -2.18 5.71 10.26
C GLY A 289 -2.49 6.93 9.39
N ALA A 290 -3.45 6.78 8.48
CA ALA A 290 -3.83 7.92 7.63
C ALA A 290 -5.32 8.01 7.31
N ALA A 291 -5.73 9.17 6.82
CA ALA A 291 -7.09 9.33 6.28
C ALA A 291 -6.97 9.70 4.80
N GLY A 292 -8.01 9.35 4.03
CA GLY A 292 -8.07 9.69 2.61
C GLY A 292 -9.47 10.22 2.33
N ALA A 293 -9.68 10.76 1.13
CA ALA A 293 -10.98 11.32 0.79
C ALA A 293 -11.25 11.10 -0.69
N ALA A 294 -12.47 10.65 -1.00
CA ALA A 294 -12.88 10.45 -2.40
C ALA A 294 -14.13 11.26 -2.72
N PHE A 295 -14.16 11.82 -3.92
CA PHE A 295 -15.25 12.67 -4.38
C PHE A 295 -15.89 11.92 -5.54
N TYR A 296 -17.19 11.75 -5.51
CA TYR A 296 -17.92 11.04 -6.56
C TYR A 296 -19.27 11.67 -6.83
N THR A 297 -19.60 11.80 -8.11
CA THR A 297 -20.95 12.20 -8.50
C THR A 297 -21.72 10.97 -8.95
N PHE A 298 -22.76 10.62 -8.20
CA PHE A 298 -23.58 9.47 -8.53
C PHE A 298 -24.30 9.64 -9.88
N GLN A 299 -24.26 8.59 -10.69
CA GLN A 299 -24.85 8.61 -12.04
C GLN A 299 -25.98 7.59 -12.20
N GLN A 300 -26.03 6.62 -11.28
CA GLN A 300 -27.03 5.54 -11.32
C GLN A 300 -27.73 5.36 -9.99
N PRO A 301 -29.05 5.09 -10.01
CA PRO A 301 -29.74 4.78 -8.77
C PRO A 301 -29.49 3.34 -8.32
N GLY A 302 -29.89 3.01 -7.09
CA GLY A 302 -29.84 1.65 -6.60
C GLY A 302 -28.98 1.48 -5.36
N ILE A 303 -28.78 0.23 -4.96
CA ILE A 303 -27.96 -0.08 -3.79
C ILE A 303 -26.53 -0.27 -4.23
N TYR A 304 -25.63 0.47 -3.60
CA TYR A 304 -24.20 0.30 -3.79
C TYR A 304 -23.64 -0.34 -2.53
N ALA A 305 -22.52 -1.02 -2.66
CA ALA A 305 -21.77 -1.42 -1.49
C ALA A 305 -20.48 -0.63 -1.55
N TYR A 306 -19.96 -0.28 -0.38
CA TYR A 306 -18.70 0.45 -0.25
C TYR A 306 -17.86 -0.42 0.67
N VAL A 307 -16.69 -0.83 0.19
CA VAL A 307 -15.94 -1.89 0.85
C VAL A 307 -14.45 -1.62 0.94
N ASN A 308 -13.81 -2.31 1.88
CA ASN A 308 -12.37 -2.58 1.81
C ASN A 308 -12.22 -3.71 0.77
N HIS A 309 -11.51 -3.48 -0.33
CA HIS A 309 -11.46 -4.47 -1.42
C HIS A 309 -10.46 -5.62 -1.22
N ASN A 310 -10.05 -5.87 0.03
CA ASN A 310 -9.74 -7.25 0.36
C ASN A 310 -11.10 -7.83 0.72
N LEU A 311 -11.64 -8.61 -0.20
CA LEU A 311 -13.04 -9.05 -0.10
C LEU A 311 -13.27 -10.00 1.07
N ILE A 312 -12.20 -10.64 1.55
CA ILE A 312 -12.28 -11.40 2.79
C ILE A 312 -12.53 -10.44 3.95
N GLU A 313 -11.75 -9.36 4.01
CA GLU A 313 -11.97 -8.38 5.05
C GLU A 313 -13.39 -7.77 4.93
N ALA A 314 -13.84 -7.53 3.70
CA ALA A 314 -15.15 -6.89 3.49
C ALA A 314 -16.32 -7.77 3.91
N PHE A 315 -16.34 -9.00 3.38
CA PHE A 315 -17.53 -9.85 3.50
C PHE A 315 -17.43 -10.99 4.52
N GLU A 316 -16.23 -11.31 4.97
CA GLU A 316 -16.06 -12.26 6.08
C GLU A 316 -15.81 -11.56 7.41
N LEU A 317 -15.06 -10.44 7.38
CA LEU A 317 -14.62 -9.78 8.62
C LEU A 317 -15.38 -8.51 8.98
N GLY A 318 -16.12 -7.95 8.02
CA GLY A 318 -17.12 -6.94 8.33
C GLY A 318 -16.99 -5.58 7.67
N ALA A 319 -16.02 -5.42 6.78
CA ALA A 319 -15.70 -4.10 6.21
C ALA A 319 -16.52 -3.79 4.94
N ALA A 320 -17.83 -3.62 5.13
CA ALA A 320 -18.78 -3.36 4.05
C ALA A 320 -19.88 -2.44 4.55
N ALA A 321 -20.14 -1.39 3.78
CA ALA A 321 -21.23 -0.45 4.01
C ALA A 321 -22.09 -0.39 2.75
N HIS A 322 -23.28 0.21 2.85
CA HIS A 322 -24.12 0.43 1.68
C HIS A 322 -24.41 1.90 1.46
N PHE A 323 -24.69 2.25 0.20
CA PHE A 323 -25.32 3.51 -0.18
C PHE A 323 -26.64 3.18 -0.85
N LYS A 324 -27.70 3.90 -0.48
CA LYS A 324 -28.97 3.75 -1.17
C LYS A 324 -29.18 5.02 -1.97
N VAL A 325 -29.25 4.87 -3.29
CA VAL A 325 -29.26 6.03 -4.18
C VAL A 325 -30.56 6.14 -4.98
N THR A 326 -31.23 7.28 -4.87
CA THR A 326 -32.50 7.51 -5.58
C THR A 326 -32.24 8.11 -6.96
N GLY A 327 -33.24 8.02 -7.83
CA GLY A 327 -33.16 8.67 -9.14
C GLY A 327 -33.46 7.77 -10.32
N GLU A 328 -33.18 8.29 -11.50
CA GLU A 328 -33.51 7.63 -12.75
C GLU A 328 -32.33 6.84 -13.32
N TRP A 329 -32.60 5.63 -13.76
CA TRP A 329 -31.61 4.78 -14.42
C TRP A 329 -31.16 5.35 -15.78
N ASN A 330 -29.85 5.23 -16.03
CA ASN A 330 -29.21 5.74 -17.25
C ASN A 330 -28.85 4.55 -18.13
N ASP A 331 -29.62 4.33 -19.19
CA ASP A 331 -29.40 3.18 -20.08
C ASP A 331 -28.20 3.35 -21.02
N ASP A 332 -27.75 4.59 -21.19
CA ASP A 332 -26.53 4.86 -21.95
C ASP A 332 -25.31 4.28 -21.21
N LEU A 333 -25.22 4.54 -19.91
CA LEU A 333 -24.13 4.02 -19.09
C LEU A 333 -24.12 2.51 -18.95
N MET A 334 -25.30 1.91 -18.76
CA MET A 334 -25.40 0.47 -18.60
C MET A 334 -26.79 -0.02 -18.95
N THR A 335 -26.86 -1.15 -19.64
CA THR A 335 -28.14 -1.80 -19.89
C THR A 335 -28.02 -3.31 -20.05
N SER A 336 -29.02 -4.02 -19.54
CA SER A 336 -29.17 -5.43 -19.74
C SER A 336 -29.76 -5.64 -21.13
N VAL A 337 -28.92 -6.05 -22.09
CA VAL A 337 -29.36 -6.27 -23.46
C VAL A 337 -30.19 -7.54 -23.52
N LEU A 338 -29.75 -8.56 -22.80
CA LEU A 338 -30.49 -9.79 -22.64
C LEU A 338 -30.39 -10.22 -21.18
N ALA A 339 -31.53 -10.19 -20.50
CA ALA A 339 -31.63 -10.55 -19.09
C ALA A 339 -31.34 -12.04 -18.91
N PRO A 340 -30.78 -12.42 -17.75
CA PRO A 340 -30.50 -13.83 -17.47
C PRO A 340 -31.64 -14.74 -17.92
N SER A 341 -31.36 -15.62 -18.87
CA SER A 341 -32.40 -16.49 -19.43
C SER A 341 -31.84 -17.82 -19.92
N GLY A 342 -32.69 -18.85 -19.86
CA GLY A 342 -32.33 -20.21 -20.24
C GLY A 342 -31.58 -20.32 -21.55
N ALA B 7 28.48 5.98 -23.71
CA ALA B 7 29.95 6.23 -23.62
C ALA B 7 30.75 4.98 -23.96
N THR B 8 31.96 5.18 -24.49
CA THR B 8 32.84 4.08 -24.85
C THR B 8 33.64 3.63 -23.64
N ALA B 9 34.23 2.45 -23.71
CA ALA B 9 35.18 1.99 -22.70
C ALA B 9 36.27 3.02 -22.47
N ALA B 10 36.75 3.62 -23.56
CA ALA B 10 37.82 4.63 -23.49
C ALA B 10 37.40 5.90 -22.75
N GLU B 11 36.21 6.42 -23.07
CA GLU B 11 35.68 7.60 -22.38
C GLU B 11 35.44 7.35 -20.89
N ILE B 12 34.99 6.14 -20.55
CA ILE B 12 34.76 5.78 -19.15
C ILE B 12 36.10 5.66 -18.42
N ALA B 13 37.12 5.17 -19.13
CA ALA B 13 38.46 5.05 -18.58
C ALA B 13 39.08 6.42 -18.26
N ALA B 14 38.66 7.44 -19.01
CA ALA B 14 39.16 8.81 -18.84
C ALA B 14 38.49 9.56 -17.69
N LEU B 15 37.36 9.05 -17.23
CA LEU B 15 36.58 9.72 -16.20
C LEU B 15 37.32 9.72 -14.86
N PRO B 16 37.15 10.79 -14.05
CA PRO B 16 37.81 10.79 -12.76
C PRO B 16 37.27 9.68 -11.86
N ARG B 17 38.11 9.17 -10.98
CA ARG B 17 37.69 8.21 -9.98
C ARG B 17 37.58 8.86 -8.61
N GLN B 18 36.60 8.41 -7.83
CA GLN B 18 36.48 8.84 -6.46
C GLN B 18 36.24 7.65 -5.55
N LYS B 19 37.23 7.36 -4.71
CA LYS B 19 37.11 6.30 -3.73
C LYS B 19 36.41 6.84 -2.49
N VAL B 20 35.28 6.23 -2.13
CA VAL B 20 34.48 6.65 -0.99
C VAL B 20 34.64 5.68 0.18
N GLU B 21 34.78 6.21 1.40
CA GLU B 21 34.71 5.42 2.61
C GLU B 21 33.27 5.40 3.12
N LEU B 22 32.69 4.22 3.21
CA LEU B 22 31.33 4.08 3.70
C LEU B 22 31.24 4.31 5.20
N VAL B 23 30.08 4.76 5.67
CA VAL B 23 29.84 4.87 7.11
C VAL B 23 28.60 4.05 7.49
N ASP B 24 28.50 3.70 8.77
CA ASP B 24 27.39 2.85 9.24
C ASP B 24 26.09 3.64 9.31
N PRO B 25 24.99 3.01 8.88
CA PRO B 25 23.67 3.58 9.10
C PRO B 25 23.44 3.85 10.60
N PRO B 26 22.64 4.87 10.95
CA PRO B 26 21.81 5.68 10.04
C PRO B 26 22.57 6.84 9.38
N PHE B 27 23.87 6.92 9.61
CA PHE B 27 24.67 8.01 9.04
C PHE B 27 24.95 7.75 7.56
N VAL B 28 25.34 8.80 6.83
CA VAL B 28 25.55 8.72 5.39
C VAL B 28 26.91 9.35 5.09
N HIS B 29 27.70 8.72 4.22
CA HIS B 29 29.05 9.21 3.91
C HIS B 29 28.99 10.61 3.31
N ALA B 30 30.08 11.35 3.43
CA ALA B 30 30.14 12.72 2.91
C ALA B 30 29.81 12.73 1.43
N HIS B 31 28.99 13.69 1.02
CA HIS B 31 28.65 13.83 -0.39
C HIS B 31 28.16 15.25 -0.64
N SER B 32 28.06 15.60 -1.91
N SER B 32 28.08 15.62 -1.90
CA SER B 32 27.57 16.91 -2.31
CA SER B 32 27.53 16.92 -2.24
C SER B 32 26.18 16.71 -2.92
C SER B 32 26.16 16.67 -2.82
N GLN B 33 25.23 17.56 -2.55
CA GLN B 33 23.87 17.44 -3.08
C GLN B 33 23.87 17.75 -4.59
N VAL B 34 24.42 18.89 -4.95
CA VAL B 34 24.63 19.25 -6.35
C VAL B 34 25.98 18.68 -6.77
N ALA B 35 25.98 17.97 -7.90
CA ALA B 35 27.18 17.26 -8.37
C ALA B 35 28.34 18.22 -8.61
N GLU B 36 29.52 17.80 -8.19
CA GLU B 36 30.76 18.53 -8.44
C GLU B 36 31.32 18.06 -9.79
N GLY B 37 31.16 18.89 -10.81
CA GLY B 37 31.70 18.58 -12.14
C GLY B 37 30.93 17.54 -12.91
N GLY B 38 31.61 16.91 -13.88
CA GLY B 38 30.99 15.92 -14.75
C GLY B 38 30.94 14.54 -14.12
N PRO B 39 30.39 13.55 -14.85
CA PRO B 39 30.31 12.15 -14.40
C PRO B 39 31.62 11.58 -13.90
N LYS B 40 31.53 10.77 -12.84
CA LYS B 40 32.69 10.12 -12.25
C LYS B 40 32.43 8.63 -12.10
N VAL B 41 33.49 7.87 -11.91
CA VAL B 41 33.38 6.48 -11.48
C VAL B 41 33.60 6.52 -9.97
N VAL B 42 32.54 6.21 -9.22
CA VAL B 42 32.57 6.32 -7.78
C VAL B 42 32.76 4.91 -7.25
N GLU B 43 33.83 4.72 -6.48
CA GLU B 43 34.26 3.39 -6.06
C GLU B 43 33.94 3.11 -4.60
N PHE B 44 33.32 1.95 -4.37
CA PHE B 44 32.98 1.48 -3.02
C PHE B 44 33.49 0.05 -2.85
N THR B 45 33.83 -0.30 -1.62
CA THR B 45 34.20 -1.67 -1.26
C THR B 45 33.36 -2.11 -0.05
N MET B 46 32.79 -3.31 -0.13
CA MET B 46 32.09 -3.86 1.01
C MET B 46 32.50 -5.29 1.19
N VAL B 47 32.75 -5.66 2.44
CA VAL B 47 33.03 -7.02 2.82
C VAL B 47 31.75 -7.61 3.45
N ILE B 48 31.35 -8.79 3.01
CA ILE B 48 30.16 -9.46 3.58
C ILE B 48 30.54 -10.25 4.82
N GLU B 49 29.79 -10.06 5.90
CA GLU B 49 29.99 -10.86 7.11
C GLU B 49 28.75 -11.64 7.51
N GLU B 50 28.88 -12.96 7.56
CA GLU B 50 27.92 -13.82 8.22
C GLU B 50 28.27 -13.74 9.71
N LYS B 51 27.36 -13.19 10.50
CA LYS B 51 27.63 -12.87 11.89
C LYS B 51 26.39 -13.02 12.75
N LYS B 52 26.57 -13.48 13.99
CA LYS B 52 25.50 -13.47 14.99
C LYS B 52 25.23 -12.05 15.48
N ILE B 53 23.97 -11.64 15.45
CA ILE B 53 23.56 -10.35 15.98
C ILE B 53 22.42 -10.50 16.98
N VAL B 54 22.33 -9.55 17.90
CA VAL B 54 21.24 -9.55 18.86
C VAL B 54 20.23 -8.51 18.40
N ILE B 55 18.95 -8.90 18.35
CA ILE B 55 17.91 -8.05 17.73
C ILE B 55 16.87 -7.48 18.70
N ASP B 56 16.99 -7.81 19.99
CA ASP B 56 16.11 -7.21 20.99
C ASP B 56 16.76 -7.22 22.37
N ASP B 57 16.09 -6.59 23.33
CA ASP B 57 16.61 -6.45 24.70
C ASP B 57 16.66 -7.79 25.45
N ALA B 58 15.88 -8.77 25.01
CA ALA B 58 15.88 -10.11 25.61
C ALA B 58 17.13 -10.92 25.24
N GLY B 59 17.82 -10.50 24.18
CA GLY B 59 18.99 -11.22 23.69
C GLY B 59 18.74 -12.18 22.55
N THR B 60 17.59 -12.04 21.88
CA THR B 60 17.26 -12.89 20.72
C THR B 60 18.34 -12.75 19.65
N GLU B 61 18.83 -13.88 19.16
CA GLU B 61 19.92 -13.90 18.19
C GLU B 61 19.43 -14.27 16.81
N VAL B 62 20.05 -13.67 15.79
CA VAL B 62 19.85 -14.06 14.41
C VAL B 62 21.23 -14.26 13.79
N HIS B 63 21.39 -15.28 12.96
CA HIS B 63 22.58 -15.37 12.13
C HIS B 63 22.37 -14.45 10.94
N ALA B 64 22.89 -13.23 11.05
CA ALA B 64 22.71 -12.22 10.01
C ALA B 64 23.66 -12.44 8.84
N MET B 65 23.25 -11.97 7.67
CA MET B 65 24.12 -11.91 6.50
C MET B 65 24.22 -10.44 6.17
N ALA B 66 25.41 -9.87 6.39
CA ALA B 66 25.49 -8.42 6.51
C ALA B 66 26.53 -7.79 5.61
N PHE B 67 26.07 -6.98 4.65
CA PHE B 67 26.96 -6.16 3.83
C PHE B 67 27.70 -5.17 4.74
N ASN B 68 29.03 -5.13 4.67
CA ASN B 68 29.83 -4.20 5.47
C ASN B 68 29.65 -4.46 6.99
N GLY B 69 29.10 -5.63 7.32
CA GLY B 69 28.90 -6.02 8.71
C GLY B 69 27.76 -5.34 9.45
N THR B 70 26.91 -4.60 8.74
CA THR B 70 25.76 -3.95 9.37
C THR B 70 24.44 -4.36 8.75
N VAL B 71 23.37 -4.29 9.56
CA VAL B 71 22.00 -4.42 9.08
C VAL B 71 21.25 -3.09 9.38
N PRO B 72 20.87 -2.34 8.33
CA PRO B 72 21.00 -2.61 6.90
C PRO B 72 22.46 -2.40 6.47
N GLY B 73 22.79 -2.80 5.24
CA GLY B 73 24.03 -2.34 4.60
C GLY B 73 24.02 -0.82 4.49
N PRO B 74 25.20 -0.21 4.28
CA PRO B 74 25.35 1.23 4.26
C PRO B 74 24.75 1.86 3.00
N LEU B 75 24.41 3.15 3.10
CA LEU B 75 23.88 3.90 1.96
C LEU B 75 25.02 4.38 1.08
N MET B 76 25.02 3.98 -0.19
CA MET B 76 25.97 4.52 -1.18
C MET B 76 25.33 5.70 -1.91
N VAL B 77 26.03 6.82 -2.04
CA VAL B 77 25.48 8.01 -2.70
C VAL B 77 26.32 8.37 -3.94
N VAL B 78 25.64 8.50 -5.07
CA VAL B 78 26.24 8.93 -6.33
C VAL B 78 25.29 9.94 -6.95
N HIS B 79 25.66 10.48 -8.12
CA HIS B 79 24.72 11.30 -8.88
C HIS B 79 24.31 10.62 -10.18
N GLN B 80 23.19 11.07 -10.76
CA GLN B 80 22.70 10.51 -12.01
C GLN B 80 23.80 10.51 -13.07
N ASP B 81 23.96 9.35 -13.72
CA ASP B 81 24.94 9.13 -14.79
C ASP B 81 26.41 9.05 -14.36
N ASP B 82 26.64 9.07 -13.04
CA ASP B 82 27.90 8.57 -12.49
C ASP B 82 27.89 7.06 -12.75
N TYR B 83 29.05 6.43 -12.60
CA TYR B 83 29.13 4.97 -12.58
C TYR B 83 29.41 4.56 -11.17
N LEU B 84 28.64 3.62 -10.63
CA LEU B 84 28.93 3.05 -9.33
C LEU B 84 29.75 1.79 -9.54
N GLU B 85 30.94 1.74 -8.94
CA GLU B 85 31.82 0.59 -9.12
C GLU B 85 32.09 -0.06 -7.78
N LEU B 86 31.46 -1.22 -7.57
CA LEU B 86 31.51 -1.89 -6.27
C LEU B 86 32.48 -3.07 -6.28
N THR B 87 33.42 -3.06 -5.36
CA THR B 87 34.23 -4.23 -5.07
C THR B 87 33.52 -4.96 -3.95
N LEU B 88 33.01 -6.16 -4.24
CA LEU B 88 32.29 -6.95 -3.24
C LEU B 88 33.14 -8.17 -2.87
N ILE B 89 33.33 -8.37 -1.57
CA ILE B 89 34.23 -9.41 -1.07
C ILE B 89 33.47 -10.39 -0.17
N ASN B 90 33.61 -11.67 -0.47
CA ASN B 90 33.07 -12.75 0.36
C ASN B 90 34.23 -13.49 1.00
N PRO B 91 34.59 -13.15 2.25
CA PRO B 91 35.73 -13.77 2.93
C PRO B 91 35.59 -15.26 3.14
N GLU B 92 36.72 -15.97 3.16
CA GLU B 92 36.76 -17.43 3.32
C GLU B 92 36.16 -17.93 4.63
N THR B 93 35.93 -17.02 5.59
CA THR B 93 35.32 -17.39 6.87
C THR B 93 33.81 -17.59 6.76
N ASN B 94 33.21 -17.07 5.69
CA ASN B 94 31.80 -17.30 5.41
C ASN B 94 31.56 -18.70 4.85
N THR B 95 30.32 -19.16 4.87
CA THR B 95 30.00 -20.50 4.38
C THR B 95 29.11 -20.50 3.13
N LEU B 96 28.46 -19.38 2.84
CA LEU B 96 27.56 -19.33 1.69
C LEU B 96 28.07 -18.49 0.54
N MET B 97 27.57 -18.81 -0.65
CA MET B 97 27.70 -17.92 -1.80
C MET B 97 26.82 -16.69 -1.57
N HIS B 98 27.33 -15.52 -1.95
CA HIS B 98 26.58 -14.26 -1.88
C HIS B 98 26.70 -13.50 -3.20
N ASN B 99 25.77 -12.58 -3.44
CA ASN B 99 25.83 -11.69 -4.60
C ASN B 99 25.13 -10.39 -4.29
N ILE B 100 24.90 -9.55 -5.28
CA ILE B 100 24.20 -8.29 -5.04
C ILE B 100 23.34 -7.89 -6.23
N ASP B 101 22.10 -7.49 -5.93
CA ASP B 101 21.15 -6.95 -6.89
C ASP B 101 20.92 -5.49 -6.49
N PHE B 102 21.37 -4.57 -7.36
CA PHE B 102 21.05 -3.14 -7.24
C PHE B 102 19.78 -2.84 -8.03
N HIS B 103 18.71 -2.44 -7.35
CA HIS B 103 17.49 -2.05 -8.06
C HIS B 103 17.74 -0.83 -8.94
N ALA B 104 18.85 -0.12 -8.67
CA ALA B 104 19.22 1.08 -9.43
C ALA B 104 19.80 0.77 -10.80
N ALA B 105 20.23 -0.49 -10.98
CA ALA B 105 21.03 -0.89 -12.14
C ALA B 105 20.19 -1.60 -13.20
N THR B 106 20.72 -1.66 -14.42
CA THR B 106 19.98 -2.23 -15.54
C THR B 106 20.76 -3.42 -16.11
N GLY B 107 20.14 -4.59 -16.05
CA GLY B 107 20.70 -5.81 -16.61
C GLY B 107 21.15 -6.84 -15.60
N ALA B 108 21.26 -8.08 -16.08
CA ALA B 108 21.81 -9.20 -15.30
C ALA B 108 21.23 -9.31 -13.88
N LEU B 109 19.91 -9.21 -13.80
CA LEU B 109 19.18 -9.28 -12.53
C LEU B 109 19.69 -8.24 -11.50
N GLY B 110 19.97 -7.04 -11.99
CA GLY B 110 20.44 -5.92 -11.17
C GLY B 110 21.89 -6.06 -10.76
N GLY B 111 22.57 -7.04 -11.35
CA GLY B 111 23.97 -7.33 -11.04
C GLY B 111 24.16 -8.70 -10.40
N GLY B 112 23.05 -9.29 -9.94
CA GLY B 112 23.08 -10.58 -9.26
C GLY B 112 23.67 -11.69 -10.12
N GLY B 113 23.37 -11.64 -11.41
CA GLY B 113 23.87 -12.62 -12.36
C GLY B 113 25.38 -12.58 -12.56
N LEU B 114 26.01 -11.49 -12.17
CA LEU B 114 27.43 -11.23 -12.45
C LEU B 114 28.32 -11.15 -11.22
N THR B 115 27.71 -11.27 -10.04
CA THR B 115 28.41 -11.06 -8.78
C THR B 115 28.35 -12.28 -7.83
N GLU B 116 28.07 -13.47 -8.36
CA GLU B 116 27.94 -14.65 -7.49
C GLU B 116 29.33 -15.08 -7.05
N ILE B 117 29.62 -14.88 -5.77
CA ILE B 117 30.95 -15.12 -5.21
C ILE B 117 30.89 -16.11 -4.06
N ASN B 118 31.69 -17.17 -4.17
CA ASN B 118 31.80 -18.13 -3.09
C ASN B 118 32.76 -17.60 -2.02
N PRO B 119 32.70 -18.17 -0.80
CA PRO B 119 33.70 -17.78 0.19
C PRO B 119 35.12 -17.83 -0.36
N GLY B 120 35.89 -16.78 -0.09
CA GLY B 120 37.26 -16.67 -0.59
C GLY B 120 37.34 -15.99 -1.95
N GLU B 121 36.21 -15.48 -2.44
CA GLU B 121 36.18 -14.78 -3.73
C GLU B 121 35.76 -13.32 -3.60
N LYS B 122 36.12 -12.52 -4.61
CA LYS B 122 35.66 -11.14 -4.74
C LYS B 122 35.25 -10.89 -6.17
N THR B 123 34.57 -9.77 -6.40
CA THR B 123 34.14 -9.37 -7.74
C THR B 123 34.09 -7.85 -7.80
N ILE B 124 34.22 -7.29 -8.99
CA ILE B 124 34.02 -5.86 -9.18
C ILE B 124 32.97 -5.67 -10.25
N LEU B 125 31.89 -4.99 -9.87
CA LEU B 125 30.77 -4.68 -10.75
C LEU B 125 30.69 -3.17 -10.96
N ARG B 126 30.47 -2.76 -12.19
CA ARG B 126 30.25 -1.34 -12.48
C ARG B 126 28.91 -1.19 -13.20
N PHE B 127 28.11 -0.21 -12.78
CA PHE B 127 26.91 0.13 -13.53
C PHE B 127 26.70 1.64 -13.61
N LYS B 128 26.03 2.05 -14.67
CA LYS B 128 25.67 3.44 -14.88
C LYS B 128 24.37 3.73 -14.12
N ALA B 129 24.40 4.73 -13.25
CA ALA B 129 23.24 5.06 -12.43
C ALA B 129 22.34 6.01 -13.21
N THR B 130 21.57 5.44 -14.13
CA THR B 130 20.85 6.23 -15.13
C THR B 130 19.59 6.92 -14.61
N LYS B 131 19.07 6.46 -13.48
CA LYS B 131 17.80 6.97 -12.95
C LYS B 131 17.96 7.51 -11.52
N PRO B 132 17.43 8.73 -11.27
CA PRO B 132 17.65 9.37 -9.99
C PRO B 132 16.61 8.94 -8.96
N GLY B 133 17.07 8.70 -7.73
CA GLY B 133 16.16 8.23 -6.69
C GLY B 133 16.91 7.45 -5.63
N VAL B 134 16.19 7.03 -4.60
CA VAL B 134 16.71 6.06 -3.67
C VAL B 134 16.23 4.67 -4.12
N PHE B 135 17.08 3.66 -3.97
CA PHE B 135 16.81 2.32 -4.50
C PHE B 135 17.32 1.28 -3.53
N VAL B 136 16.55 0.22 -3.34
CA VAL B 136 17.03 -0.94 -2.58
C VAL B 136 18.19 -1.67 -3.30
N TYR B 137 19.14 -2.17 -2.52
CA TYR B 137 20.02 -3.25 -3.01
C TYR B 137 19.91 -4.43 -2.06
N HIS B 138 20.11 -5.64 -2.57
CA HIS B 138 20.02 -6.82 -1.72
C HIS B 138 20.68 -8.04 -2.34
N CYS B 139 21.06 -8.98 -1.49
CA CYS B 139 21.57 -10.27 -1.96
C CYS B 139 20.43 -11.07 -2.58
N ALA B 140 20.75 -11.93 -3.55
CA ALA B 140 19.75 -12.79 -4.19
C ALA B 140 20.37 -14.05 -4.80
N PRO B 141 20.77 -15.00 -3.95
CA PRO B 141 21.31 -16.26 -4.47
C PRO B 141 20.14 -17.15 -4.89
N PRO B 142 20.11 -17.55 -6.18
CA PRO B 142 19.00 -18.38 -6.68
C PRO B 142 18.70 -19.57 -5.79
N GLY B 143 17.43 -19.77 -5.48
CA GLY B 143 17.01 -20.84 -4.56
C GLY B 143 16.93 -20.43 -3.10
N MET B 144 17.53 -19.29 -2.74
CA MET B 144 17.57 -18.84 -1.34
C MET B 144 17.36 -17.33 -1.21
N VAL B 145 16.67 -16.74 -2.18
CA VAL B 145 16.51 -15.27 -2.23
C VAL B 145 15.86 -14.66 -0.97
N PRO B 146 14.62 -15.07 -0.61
CA PRO B 146 14.05 -14.41 0.56
C PRO B 146 14.80 -14.67 1.86
N TRP B 147 15.40 -15.85 2.01
CA TRP B 147 16.17 -16.13 3.24
C TRP B 147 17.34 -15.17 3.43
N ALA B 148 18.07 -14.89 2.34
CA ALA B 148 19.20 -13.96 2.38
C ALA B 148 18.71 -12.56 2.78
N VAL B 149 17.60 -12.16 2.20
CA VAL B 149 17.12 -10.78 2.36
C VAL B 149 16.60 -10.58 3.80
N VAL B 150 15.79 -11.53 4.28
CA VAL B 150 15.24 -11.40 5.64
C VAL B 150 16.23 -11.80 6.75
N SER B 151 17.44 -12.24 6.34
CA SER B 151 18.58 -12.39 7.26
C SER B 151 19.40 -11.09 7.35
N GLY B 152 18.90 -10.02 6.74
CA GLY B 152 19.49 -8.68 6.87
C GLY B 152 20.38 -8.23 5.72
N MET B 153 20.44 -9.03 4.65
CA MET B 153 21.37 -8.72 3.56
C MET B 153 20.74 -7.79 2.53
N ASN B 154 20.55 -6.55 2.95
CA ASN B 154 19.96 -5.54 2.08
C ASN B 154 20.31 -4.15 2.59
N GLY B 155 20.24 -3.18 1.70
CA GLY B 155 20.56 -1.78 2.04
C GLY B 155 19.88 -0.93 0.99
N ALA B 156 20.45 0.26 0.74
CA ALA B 156 19.91 1.17 -0.26
C ALA B 156 21.02 2.04 -0.82
N ILE B 157 20.78 2.62 -1.99
CA ILE B 157 21.68 3.65 -2.52
C ILE B 157 20.85 4.87 -2.85
N MET B 158 21.50 6.02 -2.94
CA MET B 158 20.83 7.23 -3.40
C MET B 158 21.55 7.75 -4.64
N VAL B 159 20.80 7.90 -5.71
CA VAL B 159 21.29 8.50 -6.95
C VAL B 159 20.67 9.88 -7.01
N LEU B 160 21.43 10.90 -6.62
CA LEU B 160 20.94 12.27 -6.61
C LEU B 160 20.86 12.80 -8.03
N PRO B 161 19.89 13.67 -8.33
CA PRO B 161 19.99 14.35 -9.61
C PRO B 161 21.25 15.20 -9.61
N ARG B 162 21.83 15.47 -10.77
CA ARG B 162 23.08 16.21 -10.80
C ARG B 162 22.89 17.63 -10.27
N GLU B 163 21.66 18.13 -10.37
CA GLU B 163 21.33 19.47 -9.84
C GLU B 163 20.69 19.44 -8.44
N GLY B 164 20.88 18.34 -7.71
CA GLY B 164 20.30 18.22 -6.37
C GLY B 164 18.80 18.00 -6.41
N LEU B 165 18.17 18.04 -5.25
CA LEU B 165 16.73 17.83 -5.17
C LEU B 165 15.94 19.09 -5.48
N HIS B 166 14.73 18.88 -5.98
CA HIS B 166 13.76 19.95 -6.24
C HIS B 166 12.40 19.42 -5.87
N ASP B 167 11.46 20.30 -5.55
CA ASP B 167 10.09 19.85 -5.35
C ASP B 167 9.41 19.60 -6.71
N GLY B 168 8.11 19.37 -6.72
CA GLY B 168 7.40 19.04 -7.94
C GLY B 168 7.25 20.19 -8.92
N LYS B 169 7.66 21.39 -8.50
CA LYS B 169 7.47 22.59 -9.31
C LYS B 169 8.78 23.33 -9.61
N GLY B 170 9.91 22.65 -9.43
CA GLY B 170 11.22 23.19 -9.80
C GLY B 170 11.97 23.95 -8.73
N LYS B 171 11.35 24.14 -7.56
CA LYS B 171 11.97 24.84 -6.45
C LYS B 171 13.00 23.93 -5.78
N ALA B 172 14.22 24.42 -5.59
CA ALA B 172 15.29 23.65 -4.97
C ALA B 172 14.97 23.27 -3.52
N LEU B 173 15.25 22.02 -3.17
CA LEU B 173 15.12 21.55 -1.79
C LEU B 173 16.50 21.08 -1.33
N THR B 174 17.07 21.78 -0.36
CA THR B 174 18.40 21.46 0.12
C THR B 174 18.29 21.02 1.59
N TYR B 175 18.71 19.80 1.89
CA TYR B 175 18.64 19.34 3.27
C TYR B 175 19.87 19.77 4.04
N ASP B 176 19.71 19.94 5.34
CA ASP B 176 20.82 20.23 6.24
C ASP B 176 21.53 18.95 6.66
N LYS B 177 20.76 17.88 6.84
CA LYS B 177 21.34 16.59 7.19
C LYS B 177 20.46 15.48 6.64
N ILE B 178 21.00 14.27 6.61
CA ILE B 178 20.32 13.12 6.04
C ILE B 178 20.56 11.90 6.94
N TYR B 179 19.50 11.10 7.14
CA TYR B 179 19.62 9.85 7.84
C TYR B 179 19.08 8.75 6.94
N TYR B 180 19.60 7.54 7.11
CA TYR B 180 19.09 6.37 6.39
C TYR B 180 18.55 5.35 7.39
N VAL B 181 17.24 5.13 7.34
CA VAL B 181 16.57 4.15 8.18
C VAL B 181 16.24 2.91 7.35
N GLY B 182 16.95 1.81 7.62
CA GLY B 182 16.65 0.52 6.98
C GLY B 182 15.76 -0.27 7.93
N GLU B 183 14.62 -0.71 7.42
CA GLU B 183 13.64 -1.44 8.23
C GLU B 183 13.73 -2.91 7.84
N GLN B 184 13.81 -3.77 8.86
CA GLN B 184 14.03 -5.20 8.63
C GLN B 184 12.95 -6.03 9.29
N ASP B 185 12.34 -6.91 8.50
CA ASP B 185 11.41 -7.91 9.01
C ASP B 185 12.20 -9.18 9.31
N PHE B 186 12.15 -9.62 10.56
CA PHE B 186 12.81 -10.87 10.94
C PHE B 186 11.77 -11.95 11.28
N TYR B 187 12.11 -13.20 11.01
CA TYR B 187 11.20 -14.34 11.21
C TYR B 187 11.96 -15.33 12.08
N VAL B 188 11.83 -15.21 13.41
CA VAL B 188 12.65 -16.03 14.32
C VAL B 188 11.83 -17.19 14.90
N PRO B 189 12.27 -18.43 14.66
CA PRO B 189 11.57 -19.62 15.18
C PRO B 189 11.41 -19.58 16.70
N ARG B 190 10.29 -20.11 17.18
CA ARG B 190 10.01 -20.21 18.61
C ARG B 190 9.87 -21.67 19.03
N ASP B 191 10.14 -21.95 20.30
CA ASP B 191 9.91 -23.30 20.84
C ASP B 191 8.47 -23.42 21.35
N GLU B 192 8.14 -24.56 21.95
CA GLU B 192 6.77 -24.80 22.44
C GLU B 192 6.43 -23.94 23.66
N ASN B 193 7.43 -23.29 24.26
CA ASN B 193 7.21 -22.29 25.31
C ASN B 193 6.85 -20.92 24.72
N GLY B 194 7.06 -20.76 23.42
CA GLY B 194 6.89 -19.47 22.76
C GLY B 194 8.14 -18.62 22.84
N LYS B 195 9.26 -19.24 23.21
CA LYS B 195 10.53 -18.56 23.37
C LYS B 195 11.37 -18.74 22.12
N TYR B 196 12.13 -17.70 21.78
CA TYR B 196 12.93 -17.71 20.56
C TYR B 196 14.10 -18.67 20.69
N LYS B 197 14.28 -19.47 19.64
CA LYS B 197 15.32 -20.48 19.62
C LYS B 197 16.66 -19.90 19.16
N LYS B 198 17.74 -20.53 19.60
CA LYS B 198 19.09 -20.17 19.17
C LYS B 198 19.70 -21.34 18.40
N TYR B 199 20.56 -21.02 17.45
CA TYR B 199 21.14 -22.02 16.56
C TYR B 199 22.66 -21.91 16.54
N GLU B 200 23.33 -23.06 16.51
CA GLU B 200 24.80 -23.10 16.45
C GLU B 200 25.33 -22.57 15.12
N ALA B 201 24.77 -23.07 14.02
CA ALA B 201 25.17 -22.65 12.68
C ALA B 201 23.99 -22.03 11.92
N PRO B 202 24.26 -21.09 10.98
CA PRO B 202 23.22 -20.45 10.19
C PRO B 202 22.32 -21.46 9.48
N GLY B 203 22.94 -22.48 8.88
CA GLY B 203 22.23 -23.54 8.20
C GLY B 203 21.25 -24.31 9.08
N ASP B 204 21.56 -24.41 10.38
CA ASP B 204 20.69 -25.08 11.34
C ASP B 204 19.31 -24.42 11.44
N ALA B 205 19.26 -23.13 11.15
CA ALA B 205 18.05 -22.33 11.33
C ALA B 205 17.11 -22.36 10.11
N TYR B 206 17.62 -22.84 8.97
CA TYR B 206 16.92 -22.70 7.69
C TYR B 206 15.49 -23.21 7.68
N GLU B 207 15.30 -24.50 7.97
CA GLU B 207 13.97 -25.09 7.84
C GLU B 207 12.94 -24.47 8.79
N ASP B 208 13.32 -24.29 10.05
CA ASP B 208 12.45 -23.67 11.04
C ASP B 208 12.08 -22.24 10.61
N THR B 209 13.06 -21.51 10.08
CA THR B 209 12.85 -20.13 9.62
C THR B 209 11.89 -20.03 8.42
N VAL B 210 12.08 -20.90 7.43
CA VAL B 210 11.19 -20.93 6.25
C VAL B 210 9.72 -21.14 6.68
N LYS B 211 9.49 -21.99 7.68
CA LYS B 211 8.14 -22.15 8.21
C LYS B 211 7.55 -20.83 8.73
N VAL B 212 8.35 -20.07 9.47
CA VAL B 212 7.89 -18.79 10.00
C VAL B 212 7.65 -17.82 8.87
N MET B 213 8.59 -17.76 7.93
CA MET B 213 8.44 -16.92 6.75
C MET B 213 7.14 -17.17 6.00
N ARG B 214 6.73 -18.44 5.93
CA ARG B 214 5.49 -18.79 5.23
C ARG B 214 4.22 -18.21 5.86
N THR B 215 4.28 -17.87 7.16
CA THR B 215 3.12 -17.28 7.83
C THR B 215 2.96 -15.82 7.42
N LEU B 216 3.95 -15.29 6.71
CA LEU B 216 4.01 -13.88 6.30
C LEU B 216 3.91 -12.93 7.49
N THR B 217 4.25 -13.42 8.67
CA THR B 217 4.13 -12.64 9.91
C THR B 217 5.46 -12.58 10.63
N PRO B 218 6.14 -11.42 10.55
CA PRO B 218 7.44 -11.32 11.20
C PRO B 218 7.29 -11.32 12.72
N THR B 219 8.30 -11.85 13.40
CA THR B 219 8.32 -11.79 14.85
C THR B 219 8.84 -10.44 15.32
N HIS B 220 9.67 -9.82 14.48
CA HIS B 220 10.36 -8.56 14.81
C HIS B 220 10.32 -7.69 13.56
N VAL B 221 10.09 -6.40 13.73
CA VAL B 221 10.16 -5.42 12.63
C VAL B 221 10.95 -4.26 13.21
N VAL B 222 12.16 -4.06 12.70
CA VAL B 222 13.13 -3.23 13.41
C VAL B 222 13.84 -2.25 12.47
N PHE B 223 14.30 -1.15 13.05
CA PHE B 223 15.17 -0.21 12.34
C PHE B 223 16.61 -0.42 12.75
N ASN B 224 17.53 -0.31 11.80
CA ASN B 224 18.97 -0.43 12.08
C ASN B 224 19.29 -1.73 12.83
N GLY B 225 18.65 -2.82 12.42
CA GLY B 225 19.01 -4.18 12.86
C GLY B 225 18.50 -4.68 14.21
N ALA B 226 17.83 -3.84 14.98
CA ALA B 226 17.36 -4.24 16.34
C ALA B 226 16.28 -3.36 16.95
N VAL B 227 15.47 -3.95 17.84
CA VAL B 227 14.50 -3.19 18.64
C VAL B 227 15.27 -2.10 19.37
N GLY B 228 14.76 -0.87 19.29
CA GLY B 228 15.35 0.25 19.99
C GLY B 228 16.69 0.77 19.48
N ALA B 229 17.14 0.29 18.32
CA ALA B 229 18.50 0.62 17.83
C ALA B 229 18.71 2.12 17.63
N LEU B 230 17.65 2.83 17.28
CA LEU B 230 17.74 4.28 17.08
C LEU B 230 17.05 5.05 18.21
N THR B 231 17.39 4.67 19.44
CA THR B 231 16.87 5.32 20.64
C THR B 231 18.03 5.56 21.61
N GLY B 232 17.75 6.22 22.74
CA GLY B 232 18.81 6.56 23.70
C GLY B 232 19.92 7.40 23.11
N ASP B 233 21.17 7.00 23.37
CA ASP B 233 22.31 7.74 22.85
C ASP B 233 22.50 7.51 21.37
N LYS B 234 21.65 6.68 20.78
CA LYS B 234 21.63 6.47 19.35
C LYS B 234 20.40 7.08 18.66
N ALA B 235 19.64 7.89 19.38
CA ALA B 235 18.55 8.65 18.77
C ALA B 235 19.10 9.58 17.69
N MET B 236 18.29 9.80 16.66
CA MET B 236 18.60 10.80 15.64
C MET B 236 18.38 12.18 16.28
N THR B 237 19.03 13.21 15.74
CA THR B 237 18.90 14.53 16.32
C THR B 237 18.61 15.57 15.26
N ALA B 238 17.96 16.65 15.68
CA ALA B 238 17.72 17.80 14.82
C ALA B 238 17.52 19.04 15.69
N ALA B 239 17.30 20.18 15.04
CA ALA B 239 17.01 21.43 15.73
C ALA B 239 15.85 22.11 15.05
N VAL B 240 15.14 22.98 15.79
CA VAL B 240 14.08 23.77 15.19
C VAL B 240 14.65 24.52 14.01
N GLY B 241 13.94 24.45 12.88
CA GLY B 241 14.35 25.11 11.64
C GLY B 241 15.21 24.26 10.74
N GLU B 242 15.66 23.09 11.24
CA GLU B 242 16.56 22.25 10.46
C GLU B 242 15.83 21.36 9.47
N LYS B 243 16.36 21.29 8.25
CA LYS B 243 15.78 20.49 7.17
C LYS B 243 16.45 19.11 7.11
N VAL B 244 15.64 18.06 7.25
CA VAL B 244 16.19 16.72 7.36
C VAL B 244 15.58 15.86 6.25
N LEU B 245 16.43 15.12 5.54
CA LEU B 245 15.96 14.06 4.64
C LEU B 245 16.09 12.73 5.34
N ILE B 246 14.98 12.00 5.41
CA ILE B 246 14.96 10.67 5.96
C ILE B 246 14.73 9.65 4.83
N VAL B 247 15.77 8.89 4.49
CA VAL B 247 15.68 7.81 3.50
C VAL B 247 15.27 6.55 4.26
N HIS B 248 14.31 5.81 3.73
CA HIS B 248 13.74 4.67 4.42
C HIS B 248 13.63 3.53 3.40
N SER B 249 14.14 2.34 3.74
CA SER B 249 14.03 1.21 2.80
C SER B 249 13.42 0.00 3.49
N GLN B 250 12.84 -0.88 2.68
CA GLN B 250 12.31 -2.15 3.15
C GLN B 250 12.37 -3.08 1.95
N ALA B 251 13.28 -4.05 1.98
CA ALA B 251 13.60 -4.87 0.81
C ALA B 251 12.61 -6.01 0.59
N ASN B 252 11.79 -6.30 1.59
CA ASN B 252 10.90 -7.47 1.53
C ASN B 252 9.42 -7.22 1.84
N ARG B 253 9.11 -6.18 2.61
CA ARG B 253 7.76 -6.08 3.14
C ARG B 253 7.34 -4.61 3.23
N ASP B 254 6.04 -4.34 3.05
CA ASP B 254 5.53 -2.97 3.10
C ASP B 254 5.79 -2.30 4.43
N THR B 255 5.91 -0.98 4.39
CA THR B 255 5.94 -0.17 5.60
C THR B 255 5.22 1.15 5.40
N ARG B 256 4.89 1.83 6.50
CA ARG B 256 4.13 3.08 6.43
C ARG B 256 4.70 4.12 7.40
N PRO B 257 5.79 4.79 7.01
CA PRO B 257 6.47 5.70 7.93
C PRO B 257 5.68 6.91 8.36
N HIS B 258 5.90 7.31 9.61
CA HIS B 258 5.21 8.43 10.25
C HIS B 258 6.16 9.07 11.28
N LEU B 259 6.25 10.39 11.26
CA LEU B 259 7.00 11.11 12.27
C LEU B 259 5.98 11.70 13.27
N ILE B 260 5.97 11.15 14.49
CA ILE B 260 4.94 11.51 15.48
C ILE B 260 5.23 12.92 16.01
N GLY B 261 4.31 13.85 15.76
CA GLY B 261 4.52 15.26 16.12
C GLY B 261 4.95 16.09 14.92
N GLY B 262 5.27 15.42 13.81
CA GLY B 262 5.68 16.11 12.57
C GLY B 262 4.93 15.61 11.35
N HIS B 263 5.57 15.77 10.19
CA HIS B 263 5.01 15.43 8.88
C HIS B 263 6.13 15.10 7.91
N GLY B 264 5.75 14.62 6.73
CA GLY B 264 6.66 14.59 5.59
C GLY B 264 6.28 15.75 4.71
N ASP B 265 7.06 16.84 4.77
CA ASP B 265 6.68 18.06 4.05
C ASP B 265 6.66 17.75 2.55
N TYR B 266 7.70 17.07 2.09
CA TYR B 266 7.77 16.53 0.72
C TYR B 266 8.18 15.09 0.83
N VAL B 267 7.42 14.20 0.20
CA VAL B 267 7.73 12.78 0.27
C VAL B 267 7.75 12.16 -1.11
N TRP B 268 8.90 11.59 -1.48
CA TRP B 268 9.02 10.80 -2.69
C TRP B 268 8.69 9.38 -2.26
N ALA B 269 7.39 9.11 -2.20
CA ALA B 269 6.92 7.86 -1.61
C ALA B 269 7.41 6.66 -2.42
N THR B 270 7.56 6.84 -3.74
CA THR B 270 8.05 5.80 -4.64
C THR B 270 9.58 5.79 -4.64
N GLY B 271 10.18 6.83 -4.05
CA GLY B 271 11.62 6.96 -3.94
C GLY B 271 12.31 7.51 -5.18
N LYS B 272 11.54 7.87 -6.20
CA LYS B 272 12.13 8.24 -7.48
C LYS B 272 11.94 9.73 -7.73
N PHE B 273 13.05 10.44 -7.94
CA PHE B 273 13.05 11.91 -7.92
C PHE B 273 12.40 12.58 -9.13
N ASN B 274 12.31 11.84 -10.24
CA ASN B 274 11.58 12.36 -11.40
C ASN B 274 10.06 12.21 -11.26
N THR B 275 9.62 11.51 -10.21
CA THR B 275 8.21 11.45 -9.87
C THR B 275 7.97 12.51 -8.79
N PRO B 276 7.10 13.51 -9.06
CA PRO B 276 6.97 14.62 -8.11
C PRO B 276 6.57 14.13 -6.70
N PRO B 277 7.12 14.76 -5.66
CA PRO B 277 6.80 14.31 -4.30
C PRO B 277 5.39 14.67 -3.89
N ASP B 278 4.81 13.82 -3.03
CA ASP B 278 3.60 14.15 -2.31
C ASP B 278 3.95 15.20 -1.27
N VAL B 279 2.97 15.97 -0.81
CA VAL B 279 3.25 17.03 0.17
C VAL B 279 2.36 16.95 1.39
N ASP B 280 2.85 17.50 2.49
CA ASP B 280 2.10 17.63 3.76
C ASP B 280 1.62 16.29 4.31
N GLN B 281 2.44 15.24 4.14
CA GLN B 281 2.01 13.87 4.46
C GLN B 281 1.98 13.60 5.97
N GLU B 282 0.97 12.88 6.45
CA GLU B 282 0.95 12.37 7.82
C GLU B 282 1.70 11.04 7.89
N THR B 283 1.37 10.13 6.97
CA THR B 283 1.92 8.78 6.97
C THR B 283 2.06 8.41 5.52
N TRP B 284 3.26 8.03 5.10
CA TRP B 284 3.50 7.67 3.71
C TRP B 284 3.65 6.16 3.61
N PHE B 285 3.75 5.65 2.39
CA PHE B 285 3.74 4.22 2.16
C PHE B 285 4.86 3.80 1.23
N ILE B 286 5.64 2.82 1.66
CA ILE B 286 6.77 2.33 0.87
C ILE B 286 6.56 0.82 0.72
N PRO B 287 6.36 0.34 -0.52
CA PRO B 287 6.07 -1.10 -0.66
C PRO B 287 7.31 -1.93 -0.49
N GLY B 288 7.15 -3.17 -0.03
CA GLY B 288 8.28 -4.11 0.03
C GLY B 288 9.03 -4.16 -1.30
N GLY B 289 10.35 -4.07 -1.23
CA GLY B 289 11.22 -4.03 -2.41
C GLY B 289 11.52 -2.61 -2.88
N ALA B 290 11.36 -1.61 -2.01
CA ALA B 290 11.59 -0.23 -2.44
C ALA B 290 12.18 0.63 -1.33
N ALA B 291 12.73 1.78 -1.74
CA ALA B 291 13.13 2.82 -0.81
C ALA B 291 12.29 4.07 -1.10
N GLY B 292 12.07 4.87 -0.05
CA GLY B 292 11.39 6.16 -0.17
C GLY B 292 12.21 7.19 0.58
N ALA B 293 11.83 8.45 0.45
CA ALA B 293 12.54 9.54 1.12
C ALA B 293 11.56 10.62 1.51
N ALA B 294 11.71 11.14 2.72
CA ALA B 294 10.88 12.25 3.18
C ALA B 294 11.74 13.43 3.60
N PHE B 295 11.27 14.63 3.30
CA PHE B 295 11.97 15.87 3.60
C PHE B 295 11.09 16.63 4.59
N TYR B 296 11.65 17.05 5.73
CA TYR B 296 10.90 17.76 6.76
C TYR B 296 11.74 18.87 7.36
N THR B 297 11.12 20.04 7.56
CA THR B 297 11.72 21.10 8.36
C THR B 297 11.13 21.08 9.76
N PHE B 298 11.95 20.75 10.74
CA PHE B 298 11.47 20.77 12.13
C PHE B 298 11.03 22.15 12.60
N GLN B 299 9.88 22.20 13.27
CA GLN B 299 9.28 23.44 13.78
C GLN B 299 9.18 23.51 15.31
N GLN B 300 9.26 22.37 15.97
CA GLN B 300 9.09 22.29 17.42
C GLN B 300 10.18 21.46 18.07
N PRO B 301 10.63 21.85 19.28
CA PRO B 301 11.64 21.06 20.00
C PRO B 301 10.98 19.89 20.72
N GLY B 302 11.81 18.95 21.16
CA GLY B 302 11.35 17.85 22.01
C GLY B 302 11.58 16.48 21.41
N ILE B 303 11.02 15.46 22.05
CA ILE B 303 11.16 14.09 21.56
C ILE B 303 10.11 13.81 20.48
N TYR B 304 10.54 13.18 19.41
CA TYR B 304 9.62 12.66 18.40
C TYR B 304 9.88 11.17 18.31
N ALA B 305 8.86 10.41 17.96
CA ALA B 305 9.07 9.02 17.55
C ALA B 305 8.88 8.97 16.04
N TYR B 306 9.65 8.13 15.38
CA TYR B 306 9.52 7.89 13.95
C TYR B 306 9.23 6.40 13.84
N VAL B 307 8.07 6.09 13.28
CA VAL B 307 7.55 4.71 13.35
C VAL B 307 6.99 4.19 12.03
N ASN B 308 6.91 2.88 11.92
CA ASN B 308 5.98 2.22 10.99
C ASN B 308 4.58 2.36 11.65
N HIS B 309 3.62 3.03 10.99
CA HIS B 309 2.32 3.32 11.63
C HIS B 309 1.28 2.17 11.57
N ASN B 310 1.74 0.93 11.38
CA ASN B 310 1.01 -0.17 12.01
C ASN B 310 1.60 -0.18 13.41
N LEU B 311 0.84 0.37 14.33
CA LEU B 311 1.33 0.64 15.66
C LEU B 311 1.68 -0.64 16.44
N ILE B 312 1.07 -1.77 16.04
CA ILE B 312 1.50 -3.06 16.59
C ILE B 312 2.94 -3.35 16.13
N GLU B 313 3.20 -3.16 14.83
CA GLU B 313 4.56 -3.27 14.34
C GLU B 313 5.51 -2.29 15.06
N ALA B 314 5.08 -1.04 15.20
CA ALA B 314 5.91 -0.02 15.86
C ALA B 314 6.24 -0.34 17.32
N PHE B 315 5.22 -0.65 18.12
CA PHE B 315 5.41 -0.71 19.58
C PHE B 315 5.44 -2.09 20.20
N GLU B 316 4.92 -3.09 19.50
CA GLU B 316 5.06 -4.48 19.96
C GLU B 316 6.23 -5.18 19.29
N LEU B 317 6.43 -4.92 17.99
CA LEU B 317 7.42 -5.65 17.21
C LEU B 317 8.78 -4.96 16.99
N GLY B 318 8.85 -3.64 17.26
CA GLY B 318 10.15 -2.94 17.34
C GLY B 318 10.41 -1.80 16.37
N ALA B 319 9.40 -1.44 15.58
CA ALA B 319 9.62 -0.49 14.48
C ALA B 319 9.41 0.95 14.94
N ALA B 320 10.27 1.40 15.87
CA ALA B 320 10.19 2.79 16.40
C ALA B 320 11.58 3.35 16.70
N ALA B 321 11.81 4.57 16.25
CA ALA B 321 13.07 5.28 16.45
C ALA B 321 12.70 6.60 17.12
N HIS B 322 13.71 7.29 17.65
CA HIS B 322 13.47 8.59 18.27
C HIS B 322 14.28 9.65 17.55
N PHE B 323 13.71 10.85 17.46
CA PHE B 323 14.45 12.10 17.22
C PHE B 323 14.41 12.94 18.50
N LYS B 324 15.56 13.52 18.86
CA LYS B 324 15.64 14.51 19.94
C LYS B 324 15.89 15.84 19.24
N VAL B 325 15.00 16.81 19.45
CA VAL B 325 15.09 18.10 18.75
C VAL B 325 15.28 19.26 19.73
N THR B 326 16.32 20.06 19.49
CA THR B 326 16.63 21.19 20.35
C THR B 326 15.97 22.46 19.82
N GLY B 327 15.83 23.46 20.69
CA GLY B 327 15.31 24.75 20.27
C GLY B 327 14.11 25.24 21.06
N GLU B 328 13.64 26.41 20.65
CA GLU B 328 12.55 27.12 21.30
C GLU B 328 11.18 26.66 20.82
N TRP B 329 10.28 26.43 21.79
CA TRP B 329 8.90 26.02 21.56
C TRP B 329 8.07 27.12 20.92
N ASN B 330 7.17 26.71 20.04
CA ASN B 330 6.30 27.62 19.30
C ASN B 330 4.85 27.45 19.77
N ASP B 331 4.39 28.37 20.62
CA ASP B 331 3.01 28.36 21.16
C ASP B 331 1.92 28.79 20.17
N ASP B 332 2.31 29.42 19.06
CA ASP B 332 1.37 29.68 17.99
C ASP B 332 0.95 28.35 17.37
N LEU B 333 1.94 27.51 17.05
CA LEU B 333 1.68 26.21 16.42
C LEU B 333 0.92 25.28 17.35
N MET B 334 1.26 25.28 18.63
CA MET B 334 0.60 24.40 19.61
C MET B 334 0.77 24.91 21.02
N THR B 335 -0.30 24.92 21.79
CA THR B 335 -0.19 25.30 23.20
C THR B 335 -1.16 24.56 24.10
N SER B 336 -0.73 24.27 25.33
CA SER B 336 -1.60 23.69 26.33
C SER B 336 -2.35 24.82 27.01
N VAL B 337 -3.59 25.03 26.57
CA VAL B 337 -4.45 26.08 27.11
C VAL B 337 -4.81 25.76 28.56
N LEU B 338 -5.10 24.50 28.84
CA LEU B 338 -5.30 24.04 30.20
C LEU B 338 -4.61 22.70 30.35
N ALA B 339 -3.59 22.67 31.20
CA ALA B 339 -2.87 21.43 31.48
C ALA B 339 -3.81 20.48 32.22
N PRO B 340 -3.60 19.15 32.06
CA PRO B 340 -4.38 18.14 32.76
C PRO B 340 -4.63 18.54 34.20
N SER B 341 -5.90 18.64 34.57
CA SER B 341 -6.30 19.11 35.88
C SER B 341 -7.70 18.59 36.23
N GLY B 342 -7.97 18.48 37.53
CA GLY B 342 -9.23 17.91 38.03
C GLY B 342 -10.45 18.59 37.42
N THR B 343 -11.45 17.78 37.06
CA THR B 343 -12.72 18.31 36.54
C THR B 343 -13.52 19.03 37.64
N ALA C 7 -25.51 9.44 -25.38
CA ALA C 7 -26.13 8.89 -26.62
C ALA C 7 -27.49 8.28 -26.33
N THR C 8 -28.42 8.45 -27.28
CA THR C 8 -29.76 7.88 -27.17
C THR C 8 -29.67 6.40 -27.55
N ALA C 9 -30.71 5.64 -27.22
CA ALA C 9 -30.79 4.23 -27.63
C ALA C 9 -30.62 4.10 -29.15
N ALA C 10 -31.26 5.01 -29.88
CA ALA C 10 -31.23 4.98 -31.35
C ALA C 10 -29.81 5.24 -31.85
N GLU C 11 -29.14 6.23 -31.28
CA GLU C 11 -27.76 6.55 -31.64
C GLU C 11 -26.84 5.36 -31.39
N ILE C 12 -27.01 4.70 -30.24
CA ILE C 12 -26.21 3.52 -29.90
C ILE C 12 -26.46 2.41 -30.91
N ALA C 13 -27.74 2.18 -31.24
CA ALA C 13 -28.13 1.13 -32.18
C ALA C 13 -27.48 1.30 -33.55
N ALA C 14 -27.10 2.53 -33.88
CA ALA C 14 -26.56 2.88 -35.19
C ALA C 14 -25.03 2.77 -35.26
N LEU C 15 -24.39 2.55 -34.11
CA LEU C 15 -22.93 2.49 -34.06
C LEU C 15 -22.39 1.19 -34.65
N PRO C 16 -21.17 1.22 -35.22
CA PRO C 16 -20.62 -0.02 -35.76
C PRO C 16 -20.37 -1.06 -34.68
N ARG C 17 -20.57 -2.32 -35.03
CA ARG C 17 -20.26 -3.43 -34.17
C ARG C 17 -18.92 -4.04 -34.54
N GLN C 18 -18.17 -4.47 -33.54
CA GLN C 18 -16.94 -5.18 -33.77
C GLN C 18 -16.87 -6.35 -32.82
N LYS C 19 -16.85 -7.56 -33.39
CA LYS C 19 -16.66 -8.78 -32.61
C LYS C 19 -15.17 -9.04 -32.41
N VAL C 20 -14.80 -9.30 -31.17
CA VAL C 20 -13.42 -9.58 -30.82
C VAL C 20 -13.31 -11.04 -30.37
N GLU C 21 -12.24 -11.71 -30.82
CA GLU C 21 -11.93 -13.05 -30.36
C GLU C 21 -10.84 -12.98 -29.30
N LEU C 22 -11.15 -13.49 -28.12
CA LEU C 22 -10.24 -13.38 -26.98
C LEU C 22 -9.12 -14.42 -27.05
N VAL C 23 -7.98 -14.12 -26.45
CA VAL C 23 -6.86 -15.05 -26.35
C VAL C 23 -6.46 -15.23 -24.88
N ASP C 24 -5.87 -16.38 -24.56
CA ASP C 24 -5.50 -16.72 -23.19
C ASP C 24 -4.38 -15.86 -22.66
N PRO C 25 -4.51 -15.39 -21.39
CA PRO C 25 -3.39 -14.70 -20.73
C PRO C 25 -2.12 -15.57 -20.75
N PRO C 26 -0.93 -14.93 -20.77
CA PRO C 26 -0.68 -13.50 -20.70
C PRO C 26 -0.77 -12.75 -22.02
N PHE C 27 -1.15 -13.42 -23.11
CA PHE C 27 -1.31 -12.73 -24.38
C PHE C 27 -2.58 -11.90 -24.38
N VAL C 28 -2.62 -10.92 -25.29
CA VAL C 28 -3.75 -10.01 -25.38
C VAL C 28 -4.25 -9.97 -26.82
N HIS C 29 -5.57 -10.00 -26.98
CA HIS C 29 -6.19 -10.01 -28.31
C HIS C 29 -5.79 -8.83 -29.19
N ALA C 30 -5.93 -9.02 -30.50
CA ALA C 30 -5.60 -8.00 -31.49
C ALA C 30 -6.41 -6.73 -31.23
N HIS C 31 -5.71 -5.60 -31.20
CA HIS C 31 -6.34 -4.31 -30.97
C HIS C 31 -5.46 -3.22 -31.55
N SER C 32 -6.00 -2.00 -31.59
CA SER C 32 -5.24 -0.84 -31.99
C SER C 32 -5.04 0.04 -30.76
N GLN C 33 -3.87 0.66 -30.64
CA GLN C 33 -3.60 1.55 -29.52
C GLN C 33 -4.35 2.87 -29.69
N VAL C 34 -4.23 3.46 -30.88
CA VAL C 34 -5.05 4.61 -31.26
C VAL C 34 -6.39 4.09 -31.79
N ALA C 35 -7.49 4.72 -31.36
CA ALA C 35 -8.83 4.27 -31.77
C ALA C 35 -9.05 4.46 -33.26
N GLU C 36 -9.56 3.40 -33.89
CA GLU C 36 -9.95 3.44 -35.30
C GLU C 36 -11.37 3.97 -35.42
N GLY C 37 -11.49 5.23 -35.83
CA GLY C 37 -12.79 5.89 -36.05
C GLY C 37 -13.51 6.26 -34.78
N GLY C 38 -14.80 6.61 -34.93
CA GLY C 38 -15.65 6.98 -33.80
C GLY C 38 -16.01 5.81 -32.91
N PRO C 39 -16.81 6.06 -31.84
CA PRO C 39 -17.17 5.03 -30.86
C PRO C 39 -17.84 3.83 -31.50
N LYS C 40 -17.54 2.64 -30.98
CA LYS C 40 -18.22 1.44 -31.42
C LYS C 40 -18.71 0.56 -30.26
N VAL C 41 -19.55 -0.41 -30.60
CA VAL C 41 -19.97 -1.43 -29.65
C VAL C 41 -19.07 -2.63 -29.88
N VAL C 42 -18.20 -2.90 -28.91
CA VAL C 42 -17.23 -3.98 -29.00
C VAL C 42 -17.78 -5.22 -28.31
N GLU C 43 -17.90 -6.31 -29.06
CA GLU C 43 -18.57 -7.52 -28.58
C GLU C 43 -17.60 -8.60 -28.16
N PHE C 44 -17.82 -9.13 -26.96
CA PHE C 44 -17.02 -10.21 -26.39
C PHE C 44 -17.98 -11.30 -25.92
N THR C 45 -17.50 -12.54 -25.95
CA THR C 45 -18.24 -13.67 -25.40
C THR C 45 -17.33 -14.52 -24.52
N MET C 46 -17.83 -14.89 -23.34
CA MET C 46 -17.09 -15.75 -22.42
C MET C 46 -18.01 -16.80 -21.81
N VAL C 47 -17.55 -18.04 -21.84
CA VAL C 47 -18.22 -19.14 -21.16
C VAL C 47 -17.49 -19.38 -19.83
N ILE C 48 -18.26 -19.61 -18.78
CA ILE C 48 -17.70 -19.86 -17.46
C ILE C 48 -17.42 -21.35 -17.32
N GLU C 49 -16.18 -21.69 -16.98
CA GLU C 49 -15.82 -23.08 -16.74
C GLU C 49 -15.44 -23.29 -15.30
N GLU C 50 -16.20 -24.13 -14.60
CA GLU C 50 -15.81 -24.64 -13.29
C GLU C 50 -14.97 -25.90 -13.53
N LYS C 51 -13.69 -25.84 -13.19
CA LYS C 51 -12.76 -26.93 -13.47
C LYS C 51 -11.70 -27.09 -12.36
N LYS C 52 -11.14 -28.28 -12.24
CA LYS C 52 -10.00 -28.48 -11.34
C LYS C 52 -8.73 -27.97 -12.00
N ILE C 53 -8.00 -27.12 -11.28
CA ILE C 53 -6.67 -26.71 -11.71
C ILE C 53 -5.63 -27.22 -10.72
N VAL C 54 -4.43 -27.54 -11.20
CA VAL C 54 -3.32 -27.88 -10.33
C VAL C 54 -2.40 -26.67 -10.24
N ILE C 55 -2.13 -26.23 -9.02
CA ILE C 55 -1.50 -24.94 -8.80
C ILE C 55 -0.02 -24.98 -8.36
N ASP C 56 0.49 -26.16 -8.06
CA ASP C 56 1.89 -26.31 -7.63
C ASP C 56 2.45 -27.68 -7.99
N ASP C 57 3.76 -27.87 -7.79
CA ASP C 57 4.43 -29.11 -8.16
C ASP C 57 4.17 -30.27 -7.20
N ALA C 58 3.37 -30.01 -6.16
CA ALA C 58 2.97 -31.06 -5.21
C ALA C 58 1.60 -31.66 -5.57
N GLY C 59 1.03 -31.20 -6.68
CA GLY C 59 -0.26 -31.71 -7.17
C GLY C 59 -1.47 -31.10 -6.49
N THR C 60 -1.25 -30.01 -5.76
CA THR C 60 -2.31 -29.29 -5.06
C THR C 60 -3.37 -28.78 -6.03
N GLU C 61 -4.62 -29.06 -5.69
CA GLU C 61 -5.77 -28.76 -6.55
C GLU C 61 -6.63 -27.61 -6.01
N VAL C 62 -7.15 -26.80 -6.93
CA VAL C 62 -8.17 -25.80 -6.63
C VAL C 62 -9.35 -26.05 -7.55
N HIS C 63 -10.56 -26.02 -7.00
CA HIS C 63 -11.76 -25.93 -7.83
C HIS C 63 -11.89 -24.51 -8.38
N ALA C 64 -11.30 -24.31 -9.57
CA ALA C 64 -11.33 -23.00 -10.21
C ALA C 64 -12.72 -22.66 -10.72
N MET C 65 -13.03 -21.37 -10.69
CA MET C 65 -14.21 -20.82 -11.36
C MET C 65 -13.65 -19.85 -12.38
N ALA C 66 -13.68 -20.23 -13.65
CA ALA C 66 -12.84 -19.59 -14.64
C ALA C 66 -13.56 -18.99 -15.83
N PHE C 67 -13.51 -17.65 -15.91
CA PHE C 67 -13.96 -16.90 -17.08
C PHE C 67 -13.17 -17.37 -18.32
N ASN C 68 -13.87 -17.88 -19.34
CA ASN C 68 -13.23 -18.30 -20.60
C ASN C 68 -12.26 -19.48 -20.38
N GLY C 69 -12.42 -20.18 -19.25
CA GLY C 69 -11.61 -21.35 -18.92
C GLY C 69 -10.19 -21.10 -18.40
N THR C 70 -9.86 -19.84 -18.13
CA THR C 70 -8.51 -19.51 -17.63
C THR C 70 -8.52 -18.75 -16.29
N VAL C 71 -7.41 -18.85 -15.56
CA VAL C 71 -7.15 -18.03 -14.37
C VAL C 71 -5.84 -17.28 -14.65
N PRO C 72 -5.90 -15.93 -14.80
CA PRO C 72 -7.09 -15.10 -14.74
C PRO C 72 -7.92 -15.26 -16.02
N GLY C 73 -9.14 -14.71 -15.98
CA GLY C 73 -9.89 -14.48 -17.21
C GLY C 73 -9.12 -13.59 -18.17
N PRO C 74 -9.50 -13.59 -19.45
CA PRO C 74 -8.77 -12.87 -20.48
C PRO C 74 -8.95 -11.35 -20.38
N LEU C 75 -7.96 -10.63 -20.89
CA LEU C 75 -8.03 -9.19 -20.96
C LEU C 75 -8.88 -8.78 -22.15
N MET C 76 -9.87 -7.93 -21.89
CA MET C 76 -10.68 -7.30 -22.93
C MET C 76 -10.19 -5.87 -23.15
N VAL C 77 -10.01 -5.48 -24.41
CA VAL C 77 -9.49 -4.16 -24.75
C VAL C 77 -10.50 -3.36 -25.58
N VAL C 78 -10.87 -2.20 -25.06
CA VAL C 78 -11.69 -1.20 -25.76
C VAL C 78 -11.05 0.17 -25.66
N HIS C 79 -11.66 1.18 -26.28
CA HIS C 79 -11.23 2.56 -26.10
C HIS C 79 -12.29 3.34 -25.33
N GLN C 80 -11.87 4.47 -24.77
CA GLN C 80 -12.76 5.34 -24.01
C GLN C 80 -13.97 5.71 -24.85
N ASP C 81 -15.15 5.60 -24.23
CA ASP C 81 -16.45 5.93 -24.84
C ASP C 81 -16.96 4.94 -25.90
N ASP C 82 -16.23 3.84 -26.09
CA ASP C 82 -16.79 2.64 -26.71
C ASP C 82 -17.77 2.03 -25.74
N TYR C 83 -18.60 1.13 -26.25
CA TYR C 83 -19.45 0.28 -25.44
C TYR C 83 -18.87 -1.13 -25.44
N LEU C 84 -18.79 -1.73 -24.25
CA LEU C 84 -18.39 -3.12 -24.12
C LEU C 84 -19.63 -3.94 -23.90
N GLU C 85 -19.85 -4.90 -24.80
CA GLU C 85 -21.04 -5.72 -24.75
C GLU C 85 -20.63 -7.17 -24.59
N LEU C 86 -20.89 -7.70 -23.40
CA LEU C 86 -20.45 -9.03 -23.04
C LEU C 86 -21.60 -10.02 -23.02
N THR C 87 -21.44 -11.10 -23.80
CA THR C 87 -22.29 -12.27 -23.69
C THR C 87 -21.62 -13.24 -22.72
N LEU C 88 -22.24 -13.41 -21.56
CA LEU C 88 -21.71 -14.28 -20.52
C LEU C 88 -22.58 -15.51 -20.46
N ILE C 89 -21.94 -16.67 -20.53
CA ILE C 89 -22.64 -17.96 -20.58
C ILE C 89 -22.24 -18.86 -19.43
N ASN C 90 -23.24 -19.40 -18.73
CA ASN C 90 -23.04 -20.33 -17.63
C ASN C 90 -23.58 -21.70 -18.01
N PRO C 91 -22.70 -22.62 -18.45
CA PRO C 91 -23.09 -23.94 -18.97
C PRO C 91 -23.82 -24.78 -17.96
N GLU C 92 -24.65 -25.69 -18.48
CA GLU C 92 -25.35 -26.65 -17.63
C GLU C 92 -24.39 -27.59 -16.89
N THR C 93 -23.14 -27.67 -17.38
CA THR C 93 -22.10 -28.48 -16.73
C THR C 93 -21.52 -27.84 -15.45
N ASN C 94 -21.93 -26.61 -15.13
CA ASN C 94 -21.54 -25.95 -13.88
C ASN C 94 -22.55 -26.23 -12.77
N THR C 95 -22.22 -25.84 -11.54
CA THR C 95 -23.05 -26.12 -10.35
C THR C 95 -23.49 -24.89 -9.55
N LEU C 96 -22.95 -23.72 -9.90
CA LEU C 96 -23.17 -22.49 -9.13
C LEU C 96 -23.71 -21.38 -10.00
N MET C 97 -24.42 -20.44 -9.38
CA MET C 97 -24.79 -19.19 -10.04
C MET C 97 -23.54 -18.32 -10.13
N HIS C 98 -23.37 -17.66 -11.27
CA HIS C 98 -22.24 -16.78 -11.51
C HIS C 98 -22.74 -15.45 -12.06
N ASN C 99 -21.92 -14.41 -11.93
CA ASN C 99 -22.20 -13.11 -12.54
C ASN C 99 -20.90 -12.37 -12.81
N ILE C 100 -20.99 -11.10 -13.19
CA ILE C 100 -19.79 -10.32 -13.43
C ILE C 100 -19.93 -8.86 -12.97
N ASP C 101 -18.93 -8.41 -12.24
CA ASP C 101 -18.78 -7.02 -11.82
C ASP C 101 -17.58 -6.46 -12.59
N PHE C 102 -17.83 -5.47 -13.44
CA PHE C 102 -16.77 -4.73 -14.12
C PHE C 102 -16.48 -3.48 -13.31
N HIS C 103 -15.27 -3.37 -12.75
CA HIS C 103 -14.91 -2.14 -12.06
C HIS C 103 -14.90 -0.94 -13.01
N ALA C 104 -14.85 -1.20 -14.32
CA ALA C 104 -14.86 -0.15 -15.37
C ALA C 104 -16.24 0.47 -15.58
N ALA C 105 -17.26 -0.22 -15.08
CA ALA C 105 -18.66 0.09 -15.39
C ALA C 105 -19.33 0.92 -14.29
N THR C 106 -20.41 1.63 -14.66
CA THR C 106 -21.15 2.45 -13.72
C THR C 106 -22.58 1.95 -13.57
N GLY C 107 -22.92 1.53 -12.36
CA GLY C 107 -24.27 1.08 -12.03
C GLY C 107 -24.38 -0.39 -11.72
N ALA C 108 -25.44 -0.74 -10.99
CA ALA C 108 -25.84 -2.12 -10.71
C ALA C 108 -24.66 -2.98 -10.24
N LEU C 109 -23.92 -2.46 -9.24
CA LEU C 109 -22.76 -3.15 -8.70
C LEU C 109 -21.75 -3.58 -9.79
N GLY C 110 -21.54 -2.68 -10.76
CA GLY C 110 -20.61 -2.91 -11.87
C GLY C 110 -21.13 -3.90 -12.90
N GLY C 111 -22.41 -4.24 -12.81
CA GLY C 111 -23.02 -5.18 -13.73
C GLY C 111 -23.46 -6.44 -13.02
N GLY C 112 -23.01 -6.62 -11.78
CA GLY C 112 -23.29 -7.83 -11.01
C GLY C 112 -24.75 -8.06 -10.69
N GLY C 113 -25.48 -6.96 -10.52
CA GLY C 113 -26.91 -7.03 -10.20
C GLY C 113 -27.74 -7.46 -11.39
N LEU C 114 -27.17 -7.33 -12.59
CA LEU C 114 -27.90 -7.57 -13.85
C LEU C 114 -27.43 -8.81 -14.63
N THR C 115 -26.48 -9.55 -14.07
CA THR C 115 -25.85 -10.65 -14.82
C THR C 115 -25.85 -11.95 -14.05
N GLU C 116 -26.74 -12.09 -13.08
CA GLU C 116 -26.79 -13.31 -12.28
C GLU C 116 -27.40 -14.46 -13.10
N ILE C 117 -26.54 -15.38 -13.52
CA ILE C 117 -26.97 -16.51 -14.33
C ILE C 117 -26.77 -17.86 -13.63
N ASN C 118 -27.87 -18.59 -13.47
CA ASN C 118 -27.85 -19.98 -12.98
C ASN C 118 -27.24 -20.90 -14.05
N PRO C 119 -26.83 -22.13 -13.66
CA PRO C 119 -26.31 -23.01 -14.71
C PRO C 119 -27.39 -23.28 -15.77
N GLY C 120 -27.02 -23.13 -17.04
CA GLY C 120 -27.96 -23.30 -18.15
C GLY C 120 -28.51 -21.98 -18.66
N GLU C 121 -28.00 -20.88 -18.11
CA GLU C 121 -28.46 -19.53 -18.48
C GLU C 121 -27.34 -18.71 -19.11
N LYS C 122 -27.73 -17.71 -19.90
CA LYS C 122 -26.81 -16.71 -20.40
C LYS C 122 -27.39 -15.29 -20.24
N THR C 123 -26.55 -14.30 -20.47
CA THR C 123 -26.96 -12.90 -20.35
C THR C 123 -26.08 -12.02 -21.23
N ILE C 124 -26.60 -10.87 -21.62
CA ILE C 124 -25.81 -9.89 -22.33
C ILE C 124 -25.89 -8.53 -21.62
N LEU C 125 -24.73 -8.04 -21.21
CA LEU C 125 -24.60 -6.75 -20.56
C LEU C 125 -23.86 -5.79 -21.46
N ARG C 126 -24.38 -4.57 -21.58
CA ARG C 126 -23.67 -3.52 -22.29
C ARG C 126 -23.39 -2.36 -21.33
N PHE C 127 -22.15 -1.89 -21.31
CA PHE C 127 -21.83 -0.67 -20.55
C PHE C 127 -20.92 0.27 -21.33
N LYS C 128 -21.05 1.56 -21.03
CA LYS C 128 -20.23 2.56 -21.68
C LYS C 128 -18.93 2.68 -20.89
N ALA C 129 -17.82 2.57 -21.61
CA ALA C 129 -16.48 2.60 -21.00
C ALA C 129 -16.02 4.04 -20.90
N THR C 130 -16.58 4.77 -19.94
CA THR C 130 -16.40 6.22 -19.87
C THR C 130 -15.04 6.66 -19.33
N LYS C 131 -14.39 5.76 -18.58
CA LYS C 131 -13.14 6.08 -17.90
C LYS C 131 -11.97 5.25 -18.46
N PRO C 132 -10.89 5.91 -18.90
CA PRO C 132 -9.73 5.21 -19.45
C PRO C 132 -8.81 4.62 -18.37
N GLY C 133 -8.36 3.39 -18.59
CA GLY C 133 -7.46 2.71 -17.66
C GLY C 133 -7.56 1.20 -17.73
N VAL C 134 -6.75 0.52 -16.93
CA VAL C 134 -6.96 -0.90 -16.67
C VAL C 134 -7.84 -1.07 -15.43
N PHE C 135 -8.76 -2.03 -15.49
CA PHE C 135 -9.74 -2.27 -14.44
C PHE C 135 -9.92 -3.75 -14.18
N VAL C 136 -10.11 -4.12 -12.92
CA VAL C 136 -10.45 -5.49 -12.57
C VAL C 136 -11.89 -5.79 -12.99
N TYR C 137 -12.14 -7.05 -13.37
CA TYR C 137 -13.51 -7.58 -13.34
C TYR C 137 -13.48 -8.86 -12.56
N HIS C 138 -14.59 -9.18 -11.89
CA HIS C 138 -14.68 -10.39 -11.09
C HIS C 138 -16.12 -10.79 -10.88
N CYS C 139 -16.29 -12.07 -10.58
CA CYS C 139 -17.56 -12.59 -10.12
C CYS C 139 -17.87 -12.09 -8.71
N ALA C 140 -19.16 -12.00 -8.38
CA ALA C 140 -19.62 -11.52 -7.07
C ALA C 140 -21.05 -11.97 -6.77
N PRO C 141 -21.25 -13.28 -6.48
CA PRO C 141 -22.57 -13.78 -6.08
C PRO C 141 -22.83 -13.42 -4.63
N PRO C 142 -23.92 -12.68 -4.34
CA PRO C 142 -24.22 -12.28 -2.95
C PRO C 142 -24.08 -13.45 -1.97
N GLY C 143 -23.38 -13.18 -0.87
CA GLY C 143 -23.16 -14.18 0.17
C GLY C 143 -21.95 -15.08 -0.05
N MET C 144 -21.35 -15.02 -1.25
CA MET C 144 -20.21 -15.88 -1.61
C MET C 144 -19.13 -15.12 -2.40
N VAL C 145 -19.07 -13.81 -2.21
CA VAL C 145 -18.20 -12.96 -3.05
C VAL C 145 -16.71 -13.30 -2.94
N PRO C 146 -16.15 -13.34 -1.71
CA PRO C 146 -14.71 -13.59 -1.66
C PRO C 146 -14.37 -14.99 -2.14
N TRP C 147 -15.22 -15.97 -1.83
CA TRP C 147 -14.97 -17.35 -2.29
C TRP C 147 -14.89 -17.47 -3.83
N ALA C 148 -15.78 -16.79 -4.54
CA ALA C 148 -15.75 -16.77 -6.00
C ALA C 148 -14.44 -16.18 -6.51
N VAL C 149 -14.06 -15.03 -5.94
CA VAL C 149 -12.89 -14.32 -6.41
C VAL C 149 -11.59 -15.10 -6.14
N VAL C 150 -11.45 -15.67 -4.94
CA VAL C 150 -10.21 -16.39 -4.62
C VAL C 150 -10.22 -17.82 -5.15
N SER C 151 -11.27 -18.17 -5.89
CA SER C 151 -11.28 -19.41 -6.68
C SER C 151 -10.86 -19.14 -8.13
N GLY C 152 -10.39 -17.92 -8.41
CA GLY C 152 -9.85 -17.55 -9.72
C GLY C 152 -10.82 -16.86 -10.66
N MET C 153 -12.01 -16.51 -10.18
CA MET C 153 -13.01 -15.87 -11.04
C MET C 153 -12.83 -14.35 -11.17
N ASN C 154 -11.73 -13.96 -11.80
CA ASN C 154 -11.41 -12.56 -12.00
C ASN C 154 -10.45 -12.39 -13.17
N GLY C 155 -10.51 -11.21 -13.78
CA GLY C 155 -9.58 -10.82 -14.82
C GLY C 155 -9.45 -9.31 -14.84
N ALA C 156 -9.23 -8.76 -16.03
CA ALA C 156 -9.13 -7.32 -16.18
C ALA C 156 -9.54 -6.87 -17.58
N ILE C 157 -9.84 -5.58 -17.73
CA ILE C 157 -10.00 -4.98 -19.04
C ILE C 157 -9.11 -3.76 -19.16
N MET C 158 -8.80 -3.38 -20.39
CA MET C 158 -8.10 -2.13 -20.65
C MET C 158 -9.00 -1.21 -21.49
N VAL C 159 -9.22 0.00 -20.98
CA VAL C 159 -9.93 1.04 -21.72
C VAL C 159 -8.87 2.05 -22.14
N LEU C 160 -8.38 1.93 -23.37
CA LEU C 160 -7.35 2.82 -23.88
C LEU C 160 -7.89 4.22 -24.20
N PRO C 161 -7.09 5.28 -23.98
CA PRO C 161 -7.54 6.57 -24.49
C PRO C 161 -7.66 6.47 -26.01
N ARG C 162 -8.60 7.21 -26.60
CA ARG C 162 -8.79 7.15 -28.06
C ARG C 162 -7.52 7.52 -28.85
N GLU C 163 -6.66 8.36 -28.27
CA GLU C 163 -5.39 8.72 -28.90
C GLU C 163 -4.20 7.89 -28.39
N GLY C 164 -4.49 6.73 -27.81
CA GLY C 164 -3.47 5.87 -27.23
C GLY C 164 -2.87 6.43 -25.94
N LEU C 165 -1.79 5.83 -25.48
CA LEU C 165 -1.15 6.22 -24.21
C LEU C 165 -0.22 7.41 -24.36
N HIS C 166 -0.10 8.19 -23.29
CA HIS C 166 0.83 9.31 -23.23
C HIS C 166 1.51 9.35 -21.87
N ASP C 167 2.67 9.97 -21.79
CA ASP C 167 3.27 10.26 -20.49
C ASP C 167 2.53 11.42 -19.81
N GLY C 168 3.03 11.87 -18.67
CA GLY C 168 2.40 12.97 -17.92
C GLY C 168 2.43 14.32 -18.63
N LYS C 169 3.33 14.46 -19.60
CA LYS C 169 3.51 15.73 -20.32
C LYS C 169 3.00 15.70 -21.76
N GLY C 170 2.20 14.69 -22.11
CA GLY C 170 1.58 14.61 -23.43
C GLY C 170 2.34 13.88 -24.53
N LYS C 171 3.59 13.50 -24.26
CA LYS C 171 4.38 12.72 -25.22
C LYS C 171 3.77 11.33 -25.38
N ALA C 172 3.64 10.89 -26.63
CA ALA C 172 3.05 9.58 -26.95
C ALA C 172 3.89 8.43 -26.42
N LEU C 173 3.21 7.40 -25.92
CA LEU C 173 3.88 6.17 -25.50
C LEU C 173 3.24 5.00 -26.21
N THR C 174 4.00 4.40 -27.12
CA THR C 174 3.48 3.34 -27.96
C THR C 174 4.28 2.08 -27.70
N TYR C 175 3.58 1.01 -27.32
CA TYR C 175 4.25 -0.25 -27.02
C TYR C 175 4.31 -1.14 -28.24
N ASP C 176 5.34 -2.00 -28.28
CA ASP C 176 5.50 -3.02 -29.30
C ASP C 176 4.82 -4.32 -28.88
N LYS C 177 4.81 -4.57 -27.56
CA LYS C 177 4.25 -5.80 -27.00
C LYS C 177 3.46 -5.47 -25.74
N ILE C 178 2.48 -6.32 -25.44
CA ILE C 178 1.66 -6.19 -24.23
C ILE C 178 1.42 -7.56 -23.63
N TYR C 179 1.61 -7.65 -22.31
CA TYR C 179 1.33 -8.88 -21.59
C TYR C 179 0.42 -8.58 -20.40
N TYR C 180 -0.42 -9.55 -20.07
CA TYR C 180 -1.33 -9.43 -18.95
C TYR C 180 -1.04 -10.49 -17.89
N VAL C 181 -0.57 -10.02 -16.74
CA VAL C 181 -0.27 -10.89 -15.60
C VAL C 181 -1.38 -10.75 -14.56
N GLY C 182 -2.15 -11.82 -14.38
CA GLY C 182 -3.16 -11.88 -13.33
C GLY C 182 -2.57 -12.63 -12.15
N GLU C 183 -2.52 -11.96 -11.01
CA GLU C 183 -2.00 -12.54 -9.76
C GLU C 183 -3.13 -13.03 -8.90
N GLN C 184 -3.00 -14.24 -8.37
CA GLN C 184 -4.06 -14.91 -7.63
C GLN C 184 -3.56 -15.39 -6.27
N ASP C 185 -4.25 -14.95 -5.22
CA ASP C 185 -4.09 -15.51 -3.89
C ASP C 185 -5.06 -16.68 -3.71
N PHE C 186 -4.50 -17.85 -3.41
CA PHE C 186 -5.28 -19.06 -3.11
C PHE C 186 -5.18 -19.43 -1.62
N TYR C 187 -6.23 -20.07 -1.11
CA TYR C 187 -6.36 -20.42 0.28
C TYR C 187 -6.75 -21.89 0.36
N VAL C 188 -5.75 -22.76 0.32
CA VAL C 188 -6.02 -24.20 0.18
C VAL C 188 -5.95 -24.89 1.54
N PRO C 189 -7.06 -25.53 1.95
CA PRO C 189 -7.05 -26.24 3.24
C PRO C 189 -6.05 -27.38 3.31
N ARG C 190 -5.56 -27.65 4.51
N ARG C 190 -5.57 -27.64 4.51
CA ARG C 190 -4.61 -28.72 4.77
CA ARG C 190 -4.60 -28.71 4.79
C ARG C 190 -5.16 -29.67 5.83
C ARG C 190 -5.17 -29.69 5.82
N ASP C 191 -4.77 -30.95 5.73
CA ASP C 191 -5.11 -31.95 6.75
C ASP C 191 -4.17 -31.79 7.95
N GLU C 192 -4.27 -32.67 8.94
CA GLU C 192 -3.48 -32.50 10.18
C GLU C 192 -1.98 -32.78 10.06
N ASN C 193 -1.57 -33.39 8.95
CA ASN C 193 -0.15 -33.59 8.65
C ASN C 193 0.41 -32.52 7.71
N GLY C 194 -0.40 -31.50 7.42
CA GLY C 194 0.05 -30.36 6.62
C GLY C 194 -0.02 -30.59 5.12
N LYS C 195 -0.64 -31.68 4.72
CA LYS C 195 -0.83 -32.05 3.32
C LYS C 195 -2.10 -31.34 2.80
N TYR C 196 -2.04 -30.82 1.58
CA TYR C 196 -3.18 -30.12 1.01
C TYR C 196 -4.34 -31.06 0.69
N LYS C 197 -5.56 -30.59 0.93
CA LYS C 197 -6.74 -31.44 0.77
C LYS C 197 -7.29 -31.41 -0.65
N LYS C 198 -7.85 -32.54 -1.08
CA LYS C 198 -8.50 -32.64 -2.38
C LYS C 198 -10.00 -32.86 -2.20
N TYR C 199 -10.80 -32.33 -3.12
CA TYR C 199 -12.26 -32.43 -3.03
C TYR C 199 -12.83 -32.85 -4.38
N GLU C 200 -13.95 -33.56 -4.39
CA GLU C 200 -14.49 -34.03 -5.67
C GLU C 200 -15.63 -33.17 -6.25
N ALA C 201 -16.01 -32.11 -5.53
CA ALA C 201 -16.98 -31.11 -5.99
C ALA C 201 -16.66 -29.74 -5.37
N PRO C 202 -16.88 -28.65 -6.14
CA PRO C 202 -16.53 -27.30 -5.64
C PRO C 202 -17.09 -27.00 -4.26
N GLY C 203 -18.40 -27.22 -4.08
CA GLY C 203 -19.09 -26.93 -2.83
C GLY C 203 -18.55 -27.65 -1.61
N ASP C 204 -17.87 -28.78 -1.83
CA ASP C 204 -17.33 -29.58 -0.74
C ASP C 204 -16.23 -28.85 0.05
N ALA C 205 -15.52 -27.96 -0.64
CA ALA C 205 -14.36 -27.27 -0.08
C ALA C 205 -14.73 -25.99 0.67
N TYR C 206 -15.97 -25.54 0.49
CA TYR C 206 -16.39 -24.22 0.99
C TYR C 206 -16.00 -23.94 2.43
N GLU C 207 -16.51 -24.74 3.37
CA GLU C 207 -16.35 -24.48 4.79
C GLU C 207 -14.88 -24.47 5.22
N ASP C 208 -14.13 -25.46 4.76
CA ASP C 208 -12.69 -25.56 5.04
C ASP C 208 -11.94 -24.34 4.50
N THR C 209 -12.34 -23.88 3.32
CA THR C 209 -11.67 -22.79 2.62
C THR C 209 -11.89 -21.47 3.36
N VAL C 210 -13.12 -21.25 3.81
CA VAL C 210 -13.47 -20.02 4.55
C VAL C 210 -12.60 -19.85 5.81
N LYS C 211 -12.36 -20.96 6.52
CA LYS C 211 -11.45 -20.93 7.65
C LYS C 211 -10.04 -20.49 7.26
N VAL C 212 -9.52 -21.00 6.14
CA VAL C 212 -8.20 -20.56 5.65
C VAL C 212 -8.23 -19.06 5.26
N MET C 213 -9.29 -18.67 4.56
CA MET C 213 -9.44 -17.26 4.13
C MET C 213 -9.37 -16.29 5.30
N ARG C 214 -10.03 -16.64 6.40
CA ARG C 214 -10.08 -15.79 7.59
C ARG C 214 -8.72 -15.53 8.27
N THR C 215 -7.72 -16.37 7.99
CA THR C 215 -6.36 -16.13 8.45
C THR C 215 -5.66 -14.99 7.68
N LEU C 216 -6.29 -14.59 6.57
CA LEU C 216 -5.75 -13.58 5.64
C LEU C 216 -4.35 -13.93 5.15
N THR C 217 -4.03 -15.21 5.14
CA THR C 217 -2.68 -15.68 4.80
C THR C 217 -2.81 -16.70 3.68
N PRO C 218 -2.52 -16.29 2.43
CA PRO C 218 -2.68 -17.24 1.31
C PRO C 218 -1.69 -18.37 1.43
N THR C 219 -2.09 -19.55 0.98
CA THR C 219 -1.17 -20.69 0.98
C THR C 219 -0.32 -20.62 -0.31
N HIS C 220 -0.86 -19.96 -1.34
CA HIS C 220 -0.18 -19.80 -2.63
C HIS C 220 -0.50 -18.42 -3.17
N VAL C 221 0.48 -17.82 -3.84
CA VAL C 221 0.25 -16.55 -4.52
C VAL C 221 0.91 -16.73 -5.87
N VAL C 222 0.10 -16.76 -6.92
CA VAL C 222 0.58 -17.23 -8.22
C VAL C 222 0.23 -16.31 -9.36
N PHE C 223 0.99 -16.43 -10.46
CA PHE C 223 0.64 -15.75 -11.69
C PHE C 223 0.05 -16.77 -12.65
N ASN C 224 -1.01 -16.38 -13.34
CA ASN C 224 -1.64 -17.24 -14.37
C ASN C 224 -2.05 -18.60 -13.81
N GLY C 225 -2.50 -18.62 -12.57
CA GLY C 225 -3.16 -19.80 -12.01
C GLY C 225 -2.31 -20.89 -11.39
N ALA C 226 -0.99 -20.80 -11.51
CA ALA C 226 -0.11 -21.84 -10.94
C ALA C 226 1.34 -21.38 -10.70
N VAL C 227 1.99 -21.96 -9.70
CA VAL C 227 3.44 -21.80 -9.49
C VAL C 227 4.16 -22.16 -10.79
N GLY C 228 5.05 -21.26 -11.22
CA GLY C 228 5.86 -21.46 -12.41
C GLY C 228 5.13 -21.33 -13.73
N ALA C 229 3.88 -20.89 -13.72
CA ALA C 229 3.09 -20.82 -14.93
C ALA C 229 3.74 -19.98 -16.02
N LEU C 230 4.25 -18.81 -15.66
CA LEU C 230 4.91 -17.92 -16.62
C LEU C 230 6.44 -18.04 -16.57
N THR C 231 6.89 -19.28 -16.49
CA THR C 231 8.29 -19.64 -16.66
C THR C 231 8.35 -20.71 -17.75
N GLY C 232 9.55 -21.02 -18.23
CA GLY C 232 9.76 -22.09 -19.23
C GLY C 232 8.97 -21.88 -20.51
N ASP C 233 8.09 -22.82 -20.82
CA ASP C 233 7.30 -22.72 -22.05
C ASP C 233 6.45 -21.44 -22.08
N LYS C 234 6.14 -20.89 -20.91
CA LYS C 234 5.33 -19.66 -20.84
C LYS C 234 6.07 -18.40 -20.38
N ALA C 235 7.40 -18.37 -20.47
CA ALA C 235 8.14 -17.13 -20.20
C ALA C 235 7.80 -16.07 -21.25
N MET C 236 7.63 -14.85 -20.79
CA MET C 236 7.31 -13.76 -21.70
C MET C 236 8.58 -13.34 -22.44
N THR C 237 8.43 -12.84 -23.66
CA THR C 237 9.58 -12.58 -24.49
C THR C 237 9.64 -11.16 -24.98
N ALA C 238 10.85 -10.69 -25.25
CA ALA C 238 11.10 -9.39 -25.85
C ALA C 238 12.54 -9.32 -26.37
N ALA C 239 12.88 -8.19 -26.97
CA ALA C 239 14.23 -7.95 -27.46
C ALA C 239 14.69 -6.58 -26.99
N VAL C 240 16.00 -6.37 -26.93
CA VAL C 240 16.55 -5.05 -26.63
C VAL C 240 15.97 -4.00 -27.59
N GLY C 241 15.52 -2.89 -27.02
CA GLY C 241 14.94 -1.79 -27.80
C GLY C 241 13.43 -1.82 -27.87
N GLU C 242 12.84 -2.93 -27.46
CA GLU C 242 11.41 -3.14 -27.56
C GLU C 242 10.68 -2.49 -26.40
N LYS C 243 9.57 -1.84 -26.69
CA LYS C 243 8.71 -1.20 -25.68
C LYS C 243 7.61 -2.17 -25.29
N VAL C 244 7.50 -2.44 -24.00
CA VAL C 244 6.61 -3.49 -23.50
C VAL C 244 5.69 -2.92 -22.43
N LEU C 245 4.39 -3.20 -22.53
CA LEU C 245 3.43 -2.84 -21.49
C LEU C 245 3.08 -4.09 -20.70
N ILE C 246 3.21 -4.02 -19.36
CA ILE C 246 2.80 -5.13 -18.51
C ILE C 246 1.61 -4.73 -17.65
N VAL C 247 0.45 -5.25 -18.02
CA VAL C 247 -0.77 -5.08 -17.23
C VAL C 247 -0.76 -6.13 -16.12
N HIS C 248 -1.05 -5.69 -14.89
CA HIS C 248 -1.03 -6.55 -13.72
C HIS C 248 -2.30 -6.31 -12.91
N SER C 249 -3.01 -7.38 -12.59
CA SER C 249 -4.21 -7.24 -11.75
C SER C 249 -4.16 -8.09 -10.49
N GLN C 250 -4.89 -7.67 -9.47
CA GLN C 250 -5.09 -8.48 -8.27
C GLN C 250 -6.45 -8.08 -7.70
N ALA C 251 -7.42 -9.00 -7.75
CA ALA C 251 -8.81 -8.67 -7.41
C ALA C 251 -9.10 -8.67 -5.91
N ASN C 252 -8.22 -9.26 -5.10
CA ASN C 252 -8.51 -9.44 -3.67
C ASN C 252 -7.43 -9.00 -2.68
N ARG C 253 -6.19 -8.88 -3.13
CA ARG C 253 -5.08 -8.68 -2.19
C ARG C 253 -3.98 -7.83 -2.82
N ASP C 254 -3.33 -7.01 -2.01
CA ASP C 254 -2.23 -6.14 -2.46
C ASP C 254 -1.11 -6.90 -3.14
N THR C 255 -0.47 -6.25 -4.11
CA THR C 255 0.77 -6.74 -4.69
C THR C 255 1.75 -5.61 -4.97
N ARG C 256 3.01 -5.98 -5.17
CA ARG C 256 4.08 -5.02 -5.38
C ARG C 256 5.03 -5.50 -6.50
N PRO C 257 4.63 -5.31 -7.76
CA PRO C 257 5.40 -5.82 -8.90
C PRO C 257 6.78 -5.18 -9.06
N HIS C 258 7.72 -5.98 -9.55
CA HIS C 258 9.11 -5.56 -9.78
C HIS C 258 9.67 -6.41 -10.91
N LEU C 259 10.30 -5.75 -11.89
CA LEU C 259 11.03 -6.46 -12.94
C LEU C 259 12.52 -6.51 -12.55
N ILE C 260 12.99 -7.71 -12.23
CA ILE C 260 14.35 -7.86 -11.68
C ILE C 260 15.36 -7.67 -12.80
N GLY C 261 16.19 -6.64 -12.66
CA GLY C 261 17.15 -6.26 -13.71
C GLY C 261 16.65 -5.13 -14.60
N GLY C 262 15.40 -4.75 -14.40
CA GLY C 262 14.77 -3.67 -15.15
C GLY C 262 14.10 -2.64 -14.26
N HIS C 263 13.16 -1.89 -14.84
CA HIS C 263 12.38 -0.86 -14.13
C HIS C 263 10.99 -0.77 -14.71
N GLY C 264 10.13 0.03 -14.07
CA GLY C 264 8.91 0.52 -14.72
C GLY C 264 9.21 1.95 -15.14
N ASP C 265 9.57 2.15 -16.42
CA ASP C 265 9.92 3.50 -16.90
C ASP C 265 8.75 4.45 -16.69
N TYR C 266 7.54 3.97 -17.01
CA TYR C 266 6.29 4.68 -16.74
C TYR C 266 5.34 3.72 -16.06
N VAL C 267 4.78 4.11 -14.93
CA VAL C 267 3.86 3.23 -14.25
C VAL C 267 2.57 3.92 -13.84
N TRP C 268 1.46 3.47 -14.42
CA TRP C 268 0.13 3.90 -13.94
C TRP C 268 -0.21 2.94 -12.81
N ALA C 269 0.31 3.28 -11.62
CA ALA C 269 0.17 2.39 -10.45
C ALA C 269 -1.28 2.23 -10.02
N THR C 270 -2.09 3.27 -10.20
CA THR C 270 -3.52 3.19 -9.88
C THR C 270 -4.28 2.54 -11.04
N GLY C 271 -3.60 2.43 -12.18
CA GLY C 271 -4.17 1.81 -13.39
C GLY C 271 -4.99 2.75 -14.24
N LYS C 272 -5.06 4.02 -13.87
CA LYS C 272 -6.00 4.94 -14.51
C LYS C 272 -5.25 5.97 -15.34
N PHE C 273 -5.57 6.02 -16.64
CA PHE C 273 -4.73 6.76 -17.60
C PHE C 273 -4.83 8.29 -17.52
N ASN C 274 -5.88 8.80 -16.87
CA ASN C 274 -5.98 10.24 -16.64
C ASN C 274 -5.18 10.69 -15.40
N THR C 275 -4.68 9.71 -14.64
CA THR C 275 -3.77 9.96 -13.53
C THR C 275 -2.35 9.79 -14.08
N PRO C 276 -1.55 10.88 -14.12
CA PRO C 276 -0.22 10.79 -14.72
C PRO C 276 0.61 9.64 -14.12
N PRO C 277 1.40 8.94 -14.97
CA PRO C 277 2.17 7.81 -14.46
C PRO C 277 3.37 8.23 -13.61
N ASP C 278 3.73 7.38 -12.66
CA ASP C 278 4.98 7.51 -11.94
C ASP C 278 6.10 7.09 -12.89
N VAL C 279 7.31 7.55 -12.63
CA VAL C 279 8.44 7.27 -13.52
C VAL C 279 9.65 6.66 -12.79
N ASP C 280 10.41 5.86 -13.54
CA ASP C 280 11.68 5.26 -13.08
C ASP C 280 11.49 4.35 -11.89
N GLN C 281 10.36 3.67 -11.83
CA GLN C 281 9.99 2.86 -10.68
C GLN C 281 10.88 1.62 -10.53
N GLU C 282 11.24 1.28 -9.30
CA GLU C 282 11.91 0.00 -9.01
C GLU C 282 10.83 -1.05 -8.70
N THR C 283 9.90 -0.70 -7.82
CA THR C 283 8.83 -1.59 -7.38
C THR C 283 7.56 -0.75 -7.20
N TRP C 284 6.49 -1.14 -7.87
CA TRP C 284 5.25 -0.37 -7.80
C TRP C 284 4.23 -1.10 -6.92
N PHE C 285 3.09 -0.46 -6.68
CA PHE C 285 2.14 -1.03 -5.73
C PHE C 285 0.73 -0.99 -6.27
N ILE C 286 0.09 -2.15 -6.26
CA ILE C 286 -1.27 -2.28 -6.74
C ILE C 286 -2.13 -2.86 -5.61
N PRO C 287 -3.12 -2.07 -5.12
CA PRO C 287 -3.95 -2.53 -4.01
C PRO C 287 -4.89 -3.63 -4.47
N GLY C 288 -5.23 -4.54 -3.55
CA GLY C 288 -6.24 -5.55 -3.81
C GLY C 288 -7.52 -4.91 -4.32
N GLY C 289 -8.07 -5.49 -5.39
CA GLY C 289 -9.24 -4.94 -6.07
C GLY C 289 -8.92 -3.97 -7.20
N ALA C 290 -7.67 -3.98 -7.67
CA ALA C 290 -7.27 -3.04 -8.73
C ALA C 290 -6.32 -3.66 -9.77
N ALA C 291 -6.22 -2.97 -10.90
CA ALA C 291 -5.21 -3.30 -11.91
C ALA C 291 -4.25 -2.12 -12.09
N GLY C 292 -3.01 -2.42 -12.49
CA GLY C 292 -2.01 -1.40 -12.80
C GLY C 292 -1.32 -1.70 -14.12
N ALA C 293 -0.51 -0.77 -14.61
CA ALA C 293 0.19 -1.00 -15.87
C ALA C 293 1.56 -0.33 -15.82
N ALA C 294 2.57 -1.08 -16.27
CA ALA C 294 3.95 -0.59 -16.35
C ALA C 294 4.43 -0.63 -17.80
N PHE C 295 5.13 0.43 -18.21
CA PHE C 295 5.69 0.55 -19.55
C PHE C 295 7.20 0.53 -19.42
N TYR C 296 7.87 -0.37 -20.14
CA TYR C 296 9.35 -0.45 -20.08
C TYR C 296 9.99 -0.68 -21.45
N THR C 297 11.09 0.00 -21.71
CA THR C 297 11.91 -0.28 -22.91
C THR C 297 13.12 -1.09 -22.48
N PHE C 298 13.19 -2.34 -22.94
CA PHE C 298 14.31 -3.22 -22.60
C PHE C 298 15.62 -2.69 -23.15
N GLN C 299 16.67 -2.75 -22.33
CA GLN C 299 17.96 -2.21 -22.71
C GLN C 299 19.07 -3.25 -22.63
N GLN C 300 18.78 -4.39 -22.01
CA GLN C 300 19.77 -5.44 -21.82
C GLN C 300 19.16 -6.78 -22.18
N PRO C 301 19.95 -7.67 -22.80
CA PRO C 301 19.47 -9.02 -23.05
C PRO C 301 19.59 -9.90 -21.81
N GLY C 302 18.98 -11.08 -21.86
CA GLY C 302 19.12 -12.07 -20.80
C GLY C 302 17.81 -12.44 -20.15
N ILE C 303 17.91 -13.24 -19.09
CA ILE C 303 16.75 -13.65 -18.32
C ILE C 303 16.44 -12.58 -17.26
N TYR C 304 15.16 -12.22 -17.18
CA TYR C 304 14.66 -11.33 -16.14
C TYR C 304 13.64 -12.11 -15.34
N ALA C 305 13.50 -11.79 -14.06
CA ALA C 305 12.38 -12.33 -13.32
C ALA C 305 11.43 -11.16 -13.05
N TYR C 306 10.13 -11.44 -13.03
CA TYR C 306 9.13 -10.43 -12.74
C TYR C 306 8.35 -10.95 -11.54
N VAL C 307 8.38 -10.20 -10.44
CA VAL C 307 7.88 -10.75 -9.17
C VAL C 307 7.00 -9.79 -8.39
N ASN C 308 6.20 -10.36 -7.49
CA ASN C 308 5.66 -9.64 -6.33
C ASN C 308 6.85 -9.52 -5.38
N HIS C 309 7.25 -8.29 -5.02
CA HIS C 309 8.50 -8.11 -4.28
C HIS C 309 8.34 -8.23 -2.75
N ASN C 310 7.26 -8.86 -2.28
CA ASN C 310 7.43 -9.58 -1.03
C ASN C 310 8.06 -10.89 -1.46
N LEU C 311 9.36 -11.00 -1.24
CA LEU C 311 10.15 -12.12 -1.79
C LEU C 311 9.74 -13.49 -1.25
N ILE C 312 9.12 -13.50 -0.08
CA ILE C 312 8.52 -14.73 0.44
C ILE C 312 7.35 -15.11 -0.48
N GLU C 313 6.52 -14.14 -0.84
CA GLU C 313 5.40 -14.42 -1.74
C GLU C 313 5.91 -14.83 -3.13
N ALA C 314 6.98 -14.18 -3.60
CA ALA C 314 7.56 -14.49 -4.92
C ALA C 314 8.18 -15.88 -4.98
N PHE C 315 9.08 -16.17 -4.05
CA PHE C 315 9.92 -17.36 -4.13
C PHE C 315 9.56 -18.52 -3.22
N GLU C 316 8.71 -18.30 -2.23
CA GLU C 316 8.17 -19.39 -1.43
C GLU C 316 6.74 -19.74 -1.84
N LEU C 317 5.92 -18.72 -2.13
CA LEU C 317 4.48 -18.93 -2.38
C LEU C 317 4.08 -19.02 -3.86
N GLY C 318 4.96 -18.58 -4.77
CA GLY C 318 4.76 -18.79 -6.21
C GLY C 318 4.66 -17.58 -7.14
N ALA C 319 4.82 -16.38 -6.61
CA ALA C 319 4.57 -15.17 -7.41
C ALA C 319 5.79 -14.68 -8.19
N ALA C 320 6.22 -15.48 -9.17
CA ALA C 320 7.38 -15.14 -9.98
C ALA C 320 7.19 -15.61 -11.42
N ALA C 321 7.45 -14.70 -12.35
CA ALA C 321 7.44 -14.98 -13.80
C ALA C 321 8.82 -14.68 -14.37
N HIS C 322 9.08 -15.17 -15.60
CA HIS C 322 10.30 -14.77 -16.31
C HIS C 322 10.02 -14.07 -17.63
N PHE C 323 10.94 -13.16 -18.00
CA PHE C 323 11.06 -12.60 -19.33
C PHE C 323 12.37 -13.08 -19.95
N LYS C 324 12.32 -13.55 -21.19
CA LYS C 324 13.53 -13.88 -21.93
C LYS C 324 13.74 -12.84 -23.02
N VAL C 325 14.90 -12.21 -22.98
CA VAL C 325 15.16 -11.03 -23.81
C VAL C 325 16.39 -11.25 -24.68
N THR C 326 16.21 -11.11 -25.99
CA THR C 326 17.31 -11.28 -26.96
C THR C 326 17.98 -9.94 -27.24
N GLY C 327 19.20 -9.98 -27.75
CA GLY C 327 19.89 -8.74 -28.14
C GLY C 327 21.33 -8.65 -27.67
N GLU C 328 21.92 -7.49 -27.90
CA GLU C 328 23.33 -7.24 -27.62
C GLU C 328 23.51 -6.70 -26.20
N TRP C 329 24.50 -7.23 -25.49
CA TRP C 329 24.84 -6.72 -24.15
C TRP C 329 25.43 -5.31 -24.20
N ASN C 330 25.00 -4.46 -23.26
CA ASN C 330 25.45 -3.07 -23.17
C ASN C 330 26.41 -2.86 -21.99
N ASP C 331 27.70 -2.76 -22.31
CA ASP C 331 28.73 -2.65 -21.27
C ASP C 331 28.80 -1.28 -20.60
N ASP C 332 28.24 -0.27 -21.26
CA ASP C 332 28.15 1.05 -20.67
C ASP C 332 27.18 1.01 -19.49
N LEU C 333 26.01 0.40 -19.70
CA LEU C 333 25.03 0.25 -18.63
C LEU C 333 25.54 -0.59 -17.45
N MET C 334 26.21 -1.71 -17.77
CA MET C 334 26.70 -2.62 -16.73
C MET C 334 27.81 -3.50 -17.26
N THR C 335 28.89 -3.60 -16.50
CA THR C 335 29.94 -4.52 -16.85
C THR C 335 30.59 -5.16 -15.64
N SER C 336 31.01 -6.41 -15.81
CA SER C 336 31.76 -7.10 -14.78
C SER C 336 33.23 -6.73 -14.98
N VAL C 337 33.71 -5.83 -14.14
CA VAL C 337 35.09 -5.33 -14.22
C VAL C 337 36.08 -6.42 -13.79
N LEU C 338 35.72 -7.12 -12.71
CA LEU C 338 36.44 -8.32 -12.29
C LEU C 338 35.42 -9.39 -11.99
N ALA C 339 35.41 -10.43 -12.82
CA ALA C 339 34.52 -11.59 -12.62
C ALA C 339 34.87 -12.29 -11.31
N PRO C 340 33.88 -12.92 -10.66
CA PRO C 340 34.10 -13.68 -9.43
C PRO C 340 35.37 -14.52 -9.49
N SER C 341 36.27 -14.28 -8.54
CA SER C 341 37.58 -14.94 -8.53
C SER C 341 38.25 -14.91 -7.16
N GLY C 342 39.18 -15.83 -6.94
CA GLY C 342 39.88 -15.95 -5.66
C GLY C 342 40.63 -14.69 -5.25
CU CU1 D . -7.25 6.53 25.44
CU CU E . -0.32 8.31 14.92
CU CU1 F . 24.11 -13.09 0.53
CU CU G . 14.87 -6.99 -5.55
C ACT H . 15.10 8.23 24.58
O ACT H . 16.06 8.21 25.39
OXT ACT H . 15.38 7.92 23.40
CH3 ACT H . 13.73 8.65 25.03
N NO I . 14.77 -7.92 -7.32
O NO I . 14.47 -8.81 -6.11
CU CU1 J . -18.79 -17.02 -10.40
CU CU K . -14.77 -5.49 -6.96
C ACT L . 13.31 -20.34 -17.79
O ACT L . 13.33 -21.21 -18.70
OXT ACT L . 12.21 -19.80 -17.58
CH3 ACT L . 14.55 -20.00 -17.02
C TRS M . -0.90 -11.50 7.74
C1 TRS M . -2.38 -11.85 7.76
C2 TRS M . -0.38 -11.13 9.13
C3 TRS M . -0.10 -12.64 7.15
O1 TRS M . -3.05 -10.95 8.61
O2 TRS M . 1.02 -10.96 9.06
O3 TRS M . -0.64 -12.98 5.90
#